data_6NTN
#
_entry.id   6NTN
#
_cell.length_a   104.402
_cell.length_b   104.402
_cell.length_c   323.683
_cell.angle_alpha   90.00
_cell.angle_beta   90.00
_cell.angle_gamma   120.00
#
_symmetry.space_group_name_H-M   'P 31 2 1'
#
loop_
_entity.id
_entity.type
_entity.pdbx_description
1 polymer Acetylcholinesterase
2 branched 2-acetamido-2-deoxy-beta-D-glucopyranose-(1-4)-[alpha-L-fucopyranose-(1-6)]2-acetamido-2-deoxy-beta-D-glucopyranose
3 non-polymer 4-(AMINOCARBONYL)-1-[({2-[(E)-(HYDROXYIMINO)METHYL]PYRIDINIUM-1-YL}METHOXY)METHYL]PYRIDINIUM
4 non-polymer '(S)-N-[(1E)-1-(diethylamino)ethylidene]-P-methylphosphonamidic fluoride'
5 non-polymer 2-acetamido-2-deoxy-beta-D-glucopyranose
6 water water
#
_entity_poly.entity_id   1
_entity_poly.type   'polypeptide(L)'
_entity_poly.pdbx_seq_one_letter_code
;GREDAELLVTVRGGRLRGIRLKTPGGPVSAFLGIPFAEPPMGPRRFLPPEPKQPWSGVVDATTFQSVCYQYVDTLYPGFE
GTEMWNPNRELSEDCLYLNVWTPYPRPTSPTPVLVWIYGGGFYSGASSLDVYDGRFLVQAERTVLVSMNYRVGAFGFLAL
PGSREAPGNVGLLDQRLALQWVQENVAAFGGDPTSVTLFGESAGAASVGMHLLSPPSRGLFHRAVLQSGAPNGPWATVGM
GEARRRATQLAHLVGCPPGGTGGNDTELVACLRTRPAQVLVNHEWHVLPQESVFRFSFVPVVDGDFLSDTPEALINAGDF
HGLQVLVGVVKDEGSYFLVYGAPGFSKDNESLISRAEFLAGVRVGVPQVSDLAAEAVVLHYTDWLHPEDPARLREALSDV
VGDHNVVCPVAQLAGRLAAQGARVYAYVFEHRASTLSWPLWMGVPHGYEIEFIFGIPLDPSRNYTAEEKIFAQRLMRYWA
NFARTGDPNEPRDPKAPQWPPYTAGAQQYVSLDLRPLEVRRGLRAQACAFWNRFLPKLLSAT
;
_entity_poly.pdbx_strand_id   A,B
#
loop_
_chem_comp.id
_chem_comp.type
_chem_comp.name
_chem_comp.formula
FUC L-saccharide, alpha linking alpha-L-fucopyranose 'C6 H12 O5'
HI6 non-polymer 4-(AMINOCARBONYL)-1-[({2-[(E)-(HYDROXYIMINO)METHYL]PYRIDINIUM-1-YL}METHOXY)METHYL]PYRIDINIUM 'C14 H16 N4 O3 2'
L2Y non-polymer '(S)-N-[(1E)-1-(diethylamino)ethylidene]-P-methylphosphonamidic fluoride' 'C7 H16 F N2 O P'
NAG D-saccharide, beta linking 2-acetamido-2-deoxy-beta-D-glucopyranose 'C8 H15 N O6'
#
# COMPACT_ATOMS: atom_id res chain seq x y z
N GLU A 3 -16.47 -50.58 18.35
CA GLU A 3 -16.18 -49.15 18.30
C GLU A 3 -16.98 -48.38 19.36
N ASP A 4 -16.44 -47.23 19.78
CA ASP A 4 -17.13 -46.33 20.69
C ASP A 4 -17.75 -45.20 19.88
N ALA A 5 -19.08 -45.06 19.98
CA ALA A 5 -19.80 -44.10 19.14
C ALA A 5 -19.46 -42.66 19.51
N GLU A 6 -19.10 -42.40 20.76
CA GLU A 6 -18.71 -41.04 21.15
C GLU A 6 -17.38 -40.63 20.54
N LEU A 7 -16.54 -41.59 20.15
CA LEU A 7 -15.23 -41.31 19.60
C LEU A 7 -15.21 -41.21 18.09
N LEU A 8 -16.38 -41.24 17.45
CA LEU A 8 -16.52 -41.16 16.00
C LEU A 8 -17.40 -39.97 15.63
N VAL A 9 -16.88 -39.08 14.80
CA VAL A 9 -17.58 -37.88 14.36
C VAL A 9 -17.36 -37.72 12.86
N THR A 10 -18.38 -37.25 12.15
CA THR A 10 -18.27 -36.92 10.73
C THR A 10 -18.25 -35.41 10.57
N VAL A 11 -17.15 -34.91 10.06
CA VAL A 11 -17.04 -33.53 9.66
C VAL A 11 -17.15 -33.46 8.14
N ARG A 12 -17.00 -32.31 7.54
CA ARG A 12 -17.18 -32.18 6.11
C ARG A 12 -16.25 -32.98 5.27
N GLY A 13 -15.03 -33.06 5.68
CA GLY A 13 -14.01 -33.80 5.00
C GLY A 13 -14.18 -35.28 4.97
N GLY A 14 -14.71 -35.82 6.05
CA GLY A 14 -14.88 -37.25 6.20
C GLY A 14 -15.01 -37.60 7.67
N ARG A 15 -14.88 -38.89 7.95
CA ARG A 15 -15.04 -39.39 9.31
C ARG A 15 -13.73 -39.35 10.08
N LEU A 16 -13.85 -39.06 11.38
CA LEU A 16 -12.72 -39.02 12.31
C LEU A 16 -12.92 -40.03 13.43
N ARG A 17 -11.81 -40.47 14.01
CA ARG A 17 -11.82 -41.32 15.21
C ARG A 17 -10.90 -40.69 16.25
N GLY A 18 -11.44 -40.39 17.43
CA GLY A 18 -10.69 -39.79 18.50
C GLY A 18 -10.38 -40.77 19.61
N ILE A 19 -9.85 -40.22 20.71
CA ILE A 19 -9.55 -41.01 21.90
C ILE A 19 -10.32 -40.44 23.09
N ARG A 20 -10.47 -41.29 24.10
CA ARG A 20 -11.10 -40.91 25.36
C ARG A 20 -10.01 -40.69 26.38
N LEU A 21 -9.85 -39.44 26.83
CA LEU A 21 -8.82 -39.06 27.79
C LEU A 21 -9.35 -39.17 29.22
N LYS A 22 -8.50 -39.69 30.10
CA LYS A 22 -8.78 -39.66 31.53
C LYS A 22 -8.26 -38.37 32.13
N THR A 23 -9.11 -37.68 32.88
CA THR A 23 -8.75 -36.44 33.56
C THR A 23 -8.99 -36.61 35.06
N PRO A 24 -8.48 -35.72 35.91
CA PRO A 24 -8.79 -35.84 37.35
C PRO A 24 -10.28 -35.81 37.66
N GLY A 25 -11.09 -35.15 36.85
CA GLY A 25 -12.51 -35.05 37.11
C GLY A 25 -13.41 -35.92 36.28
N GLY A 26 -12.89 -36.66 35.30
CA GLY A 26 -13.70 -37.53 34.50
C GLY A 26 -13.29 -37.58 33.03
N PRO A 27 -13.95 -38.43 32.25
CA PRO A 27 -13.52 -38.65 30.87
C PRO A 27 -13.77 -37.44 29.98
N VAL A 28 -12.87 -37.26 29.03
CA VAL A 28 -12.97 -36.24 27.99
C VAL A 28 -12.66 -36.90 26.65
N SER A 29 -13.43 -36.54 25.62
CA SER A 29 -13.14 -37.02 24.26
C SER A 29 -12.22 -36.02 23.58
N ALA A 30 -11.08 -36.49 23.10
CA ALA A 30 -10.12 -35.66 22.38
C ALA A 30 -9.98 -36.15 20.95
N PHE A 31 -9.93 -35.20 20.01
CA PHE A 31 -9.64 -35.46 18.61
C PHE A 31 -8.42 -34.62 18.27
N LEU A 32 -7.25 -35.23 18.34
CA LEU A 32 -5.98 -34.54 18.14
C LEU A 32 -5.42 -34.83 16.76
N GLY A 33 -4.90 -33.80 16.11
CA GLY A 33 -4.31 -33.97 14.79
C GLY A 33 -5.30 -34.04 13.65
N ILE A 34 -6.36 -33.23 13.69
CA ILE A 34 -7.33 -33.19 12.60
C ILE A 34 -6.79 -32.33 11.46
N PRO A 35 -6.65 -32.88 10.25
CA PRO A 35 -6.14 -32.08 9.13
C PRO A 35 -7.19 -31.05 8.70
N PHE A 36 -6.79 -29.78 8.64
CA PHE A 36 -7.69 -28.75 8.15
C PHE A 36 -7.19 -28.09 6.87
N ALA A 37 -5.92 -28.25 6.52
CA ALA A 37 -5.39 -27.71 5.28
C ALA A 37 -4.52 -28.76 4.59
N GLU A 38 -4.38 -28.61 3.29
CA GLU A 38 -3.38 -29.40 2.56
C GLU A 38 -1.99 -29.07 3.08
N PRO A 39 -1.08 -30.04 3.14
CA PRO A 39 0.25 -29.78 3.70
C PRO A 39 1.01 -28.74 2.89
N PRO A 40 1.47 -27.68 3.54
CA PRO A 40 2.14 -26.58 2.82
C PRO A 40 3.59 -26.91 2.48
N MET A 41 3.76 -27.92 1.63
CA MET A 41 5.06 -28.47 1.31
C MET A 41 5.46 -28.13 -0.12
N GLY A 42 6.77 -28.24 -0.38
CA GLY A 42 7.31 -28.08 -1.71
C GLY A 42 6.82 -26.83 -2.42
N PRO A 43 6.10 -27.02 -3.53
CA PRO A 43 5.55 -25.86 -4.25
C PRO A 43 4.54 -25.07 -3.44
N ARG A 44 4.05 -25.59 -2.31
CA ARG A 44 3.08 -24.90 -1.49
C ARG A 44 3.72 -24.17 -0.31
N ARG A 45 5.04 -24.23 -0.19
CA ARG A 45 5.75 -23.39 0.77
C ARG A 45 5.50 -21.92 0.45
N PHE A 46 5.27 -21.13 1.50
CA PHE A 46 4.99 -19.69 1.47
C PHE A 46 3.62 -19.36 0.90
N LEU A 47 2.83 -20.34 0.48
CA LEU A 47 1.54 -20.04 -0.11
C LEU A 47 0.45 -20.02 0.96
N PRO A 48 -0.69 -19.38 0.68
CA PRO A 48 -1.82 -19.48 1.60
C PRO A 48 -2.27 -20.92 1.72
N PRO A 49 -2.90 -21.28 2.83
CA PRO A 49 -3.31 -22.67 3.02
C PRO A 49 -4.45 -23.05 2.08
N GLU A 50 -4.36 -24.24 1.47
CA GLU A 50 -5.59 -24.60 0.79
C GLU A 50 -6.39 -25.59 1.63
N PRO A 51 -7.73 -25.51 1.58
CA PRO A 51 -8.56 -26.36 2.43
C PRO A 51 -8.29 -27.84 2.19
N LYS A 52 -8.43 -28.62 3.26
CA LYS A 52 -8.18 -30.06 3.18
C LYS A 52 -9.24 -30.74 2.32
N GLN A 53 -8.80 -31.47 1.31
CA GLN A 53 -9.73 -32.15 0.42
C GLN A 53 -10.35 -33.37 1.10
N PRO A 54 -11.59 -33.72 0.75
CA PRO A 54 -12.27 -34.81 1.46
C PRO A 54 -11.53 -36.14 1.31
N TRP A 55 -11.68 -36.97 2.33
CA TRP A 55 -11.05 -38.28 2.38
C TRP A 55 -12.12 -39.35 2.55
N SER A 56 -11.80 -40.55 2.07
CA SER A 56 -12.60 -41.74 2.35
C SER A 56 -11.99 -42.49 3.53
N GLY A 57 -12.83 -43.26 4.22
CA GLY A 57 -12.41 -43.94 5.42
C GLY A 57 -12.37 -43.02 6.63
N VAL A 58 -11.87 -43.59 7.72
CA VAL A 58 -11.84 -42.93 9.02
C VAL A 58 -10.43 -42.42 9.28
N VAL A 59 -10.29 -41.12 9.53
CA VAL A 59 -9.02 -40.54 9.92
C VAL A 59 -8.82 -40.73 11.43
N ASP A 60 -7.69 -41.31 11.81
CA ASP A 60 -7.33 -41.47 13.22
C ASP A 60 -6.81 -40.15 13.75
N ALA A 61 -7.65 -39.41 14.48
CA ALA A 61 -7.23 -38.18 15.14
C ALA A 61 -6.99 -38.46 16.63
N THR A 62 -5.89 -39.19 16.89
CA THR A 62 -5.67 -39.78 18.20
C THR A 62 -4.38 -39.32 18.88
N THR A 63 -3.64 -38.37 18.29
CA THR A 63 -2.42 -37.85 18.89
C THR A 63 -2.07 -36.55 18.21
N PHE A 64 -1.29 -35.72 18.90
CA PHE A 64 -0.85 -34.46 18.31
C PHE A 64 -0.02 -34.73 17.07
N GLN A 65 -0.21 -33.90 16.04
CA GLN A 65 0.61 -33.96 14.84
C GLN A 65 1.87 -33.13 15.05
N SER A 66 2.68 -33.03 13.99
CA SER A 66 4.01 -32.45 14.13
C SER A 66 3.96 -30.95 14.37
N VAL A 67 5.06 -30.44 14.92
CA VAL A 67 5.23 -29.01 15.17
C VAL A 67 5.71 -28.34 13.90
N CYS A 68 5.09 -27.21 13.54
CA CYS A 68 5.53 -26.46 12.37
C CYS A 68 7.00 -26.08 12.52
N TYR A 69 7.76 -26.28 11.45
CA TYR A 69 9.21 -26.11 11.49
C TYR A 69 9.57 -24.75 12.09
N GLN A 70 10.50 -24.76 13.04
CA GLN A 70 10.79 -23.56 13.82
C GLN A 70 12.13 -23.71 14.52
N TYR A 71 12.63 -22.58 15.00
CA TYR A 71 13.87 -22.54 15.77
C TYR A 71 13.66 -23.18 17.14
N VAL A 72 14.73 -23.78 17.66
CA VAL A 72 14.70 -24.48 18.96
C VAL A 72 15.69 -23.80 19.89
N ASP A 73 15.20 -23.35 21.05
CA ASP A 73 16.03 -22.58 21.97
C ASP A 73 17.10 -23.45 22.63
N THR A 74 18.32 -22.91 22.71
CA THR A 74 19.45 -23.64 23.27
C THR A 74 20.17 -22.89 24.38
N LEU A 75 19.57 -21.82 24.92
CA LEU A 75 20.28 -20.97 25.88
C LEU A 75 20.55 -21.69 27.19
N TYR A 76 19.52 -22.27 27.80
CA TYR A 76 19.65 -23.04 29.04
C TYR A 76 19.19 -24.47 28.75
N PRO A 77 20.07 -25.30 28.20
CA PRO A 77 19.64 -26.64 27.77
C PRO A 77 19.28 -27.52 28.95
N GLY A 78 18.14 -28.20 28.84
CA GLY A 78 17.63 -29.04 29.91
C GLY A 78 16.88 -28.31 31.00
N PHE A 79 16.89 -26.97 30.99
CA PHE A 79 16.21 -26.16 31.99
C PHE A 79 14.72 -26.10 31.67
N GLU A 80 13.90 -26.49 32.65
CA GLU A 80 12.46 -26.62 32.41
C GLU A 80 11.83 -25.31 31.96
N GLY A 81 12.33 -24.18 32.47
CA GLY A 81 11.72 -22.90 32.14
C GLY A 81 11.74 -22.57 30.66
N THR A 82 12.71 -23.10 29.93
CA THR A 82 12.79 -22.90 28.49
C THR A 82 12.40 -24.13 27.68
N GLU A 83 12.69 -25.34 28.17
CA GLU A 83 12.30 -26.54 27.45
C GLU A 83 10.78 -26.69 27.38
N MET A 84 10.06 -26.15 28.37
CA MET A 84 8.61 -26.20 28.34
C MET A 84 8.03 -25.49 27.13
N TRP A 85 8.76 -24.54 26.55
CA TRP A 85 8.31 -23.81 25.38
C TRP A 85 8.78 -24.43 24.07
N ASN A 86 9.72 -25.37 24.13
CA ASN A 86 10.35 -25.95 22.96
C ASN A 86 9.45 -27.03 22.34
N PRO A 87 9.69 -27.38 21.07
CA PRO A 87 8.83 -28.39 20.41
C PRO A 87 8.88 -29.73 21.12
N ASN A 88 7.72 -30.32 21.34
CA ASN A 88 7.60 -31.64 21.94
C ASN A 88 7.13 -32.70 20.94
N ARG A 89 7.08 -32.36 19.65
CA ARG A 89 6.89 -33.31 18.56
C ARG A 89 7.97 -33.05 17.53
N GLU A 90 8.07 -33.96 16.56
CA GLU A 90 9.02 -33.76 15.47
C GLU A 90 8.65 -32.50 14.68
N LEU A 91 9.68 -31.85 14.13
CA LEU A 91 9.46 -30.72 13.24
C LEU A 91 9.11 -31.22 11.84
N SER A 92 8.22 -30.48 11.18
CA SER A 92 7.84 -30.78 9.80
C SER A 92 7.07 -29.61 9.22
N GLU A 93 7.26 -29.38 7.93
CA GLU A 93 6.43 -28.40 7.24
C GLU A 93 4.99 -28.90 7.09
N ASP A 94 4.78 -30.21 7.13
CA ASP A 94 3.44 -30.80 7.16
C ASP A 94 2.94 -30.72 8.59
N CYS A 95 2.19 -29.65 8.90
CA CYS A 95 1.89 -29.36 10.29
C CYS A 95 0.55 -28.66 10.50
N LEU A 96 -0.30 -28.55 9.48
CA LEU A 96 -1.54 -27.80 9.61
C LEU A 96 -2.65 -28.73 10.11
N TYR A 97 -2.64 -28.95 11.42
CA TYR A 97 -3.62 -29.80 12.09
C TYR A 97 -4.18 -29.06 13.30
N LEU A 98 -5.42 -29.38 13.66
CA LEU A 98 -6.05 -28.78 14.83
C LEU A 98 -6.57 -29.87 15.76
N ASN A 99 -6.87 -29.48 17.00
CA ASN A 99 -7.28 -30.40 18.03
C ASN A 99 -8.59 -29.95 18.65
N VAL A 100 -9.46 -30.91 18.97
CA VAL A 100 -10.77 -30.63 19.54
C VAL A 100 -10.95 -31.48 20.79
N TRP A 101 -11.19 -30.82 21.91
CA TRP A 101 -11.59 -31.48 23.15
C TRP A 101 -13.05 -31.18 23.44
N THR A 102 -13.78 -32.20 23.90
CA THR A 102 -15.21 -32.06 24.13
C THR A 102 -15.59 -32.99 25.27
N PRO A 103 -16.63 -32.64 26.05
CA PRO A 103 -17.04 -33.52 27.16
C PRO A 103 -17.41 -34.92 26.69
N TYR A 104 -17.23 -35.88 27.58
CA TYR A 104 -17.61 -37.26 27.36
C TYR A 104 -18.72 -37.63 28.34
N PRO A 105 -19.95 -37.90 27.88
CA PRO A 105 -20.33 -37.96 26.46
C PRO A 105 -20.53 -36.58 25.83
N ARG A 106 -20.57 -36.55 24.51
CA ARG A 106 -20.67 -35.28 23.79
C ARG A 106 -21.95 -34.55 24.21
N PRO A 107 -21.93 -33.22 24.27
CA PRO A 107 -23.15 -32.49 24.64
C PRO A 107 -24.19 -32.60 23.54
N THR A 108 -25.45 -32.66 23.94
CA THR A 108 -26.54 -32.71 22.97
C THR A 108 -27.16 -31.35 22.70
N SER A 109 -27.04 -30.39 23.62
CA SER A 109 -27.39 -29.05 23.20
C SER A 109 -26.12 -28.22 23.00
N PRO A 110 -26.13 -27.24 22.11
CA PRO A 110 -24.88 -26.54 21.75
C PRO A 110 -24.20 -25.90 22.96
N THR A 111 -22.87 -26.03 23.02
CA THR A 111 -22.14 -25.47 24.15
C THR A 111 -20.98 -24.61 23.66
N PRO A 112 -20.63 -23.54 24.39
CA PRO A 112 -19.68 -22.53 23.88
C PRO A 112 -18.30 -23.11 23.61
N VAL A 113 -17.60 -22.47 22.67
CA VAL A 113 -16.33 -22.95 22.13
C VAL A 113 -15.24 -21.94 22.44
N LEU A 114 -14.12 -22.42 22.97
CA LEU A 114 -12.91 -21.63 23.15
C LEU A 114 -11.87 -22.08 22.14
N VAL A 115 -11.29 -21.14 21.41
CA VAL A 115 -10.28 -21.43 20.38
C VAL A 115 -8.97 -20.80 20.80
N TRP A 116 -7.96 -21.64 21.04
CA TRP A 116 -6.67 -21.18 21.52
C TRP A 116 -5.71 -20.92 20.36
N ILE A 117 -4.93 -19.83 20.48
CA ILE A 117 -3.89 -19.48 19.52
C ILE A 117 -2.61 -19.28 20.30
N TYR A 118 -1.64 -20.18 20.14
CA TYR A 118 -0.42 -20.09 20.92
C TYR A 118 0.44 -18.92 20.48
N GLY A 119 1.28 -18.45 21.40
CA GLY A 119 2.31 -17.49 21.10
C GLY A 119 3.65 -18.15 20.79
N GLY A 120 4.69 -17.31 20.73
CA GLY A 120 6.01 -17.78 20.38
C GLY A 120 6.71 -16.83 19.42
N GLY A 121 6.29 -15.57 19.43
CA GLY A 121 6.93 -14.53 18.64
C GLY A 121 6.80 -14.70 17.13
N PHE A 122 5.81 -15.46 16.67
CA PHE A 122 5.60 -15.79 15.27
C PHE A 122 6.76 -16.57 14.67
N TYR A 123 7.68 -17.06 15.50
CA TYR A 123 8.75 -17.92 15.04
C TYR A 123 8.77 -19.29 15.72
N SER A 124 7.91 -19.51 16.71
CA SER A 124 7.92 -20.75 17.47
C SER A 124 6.53 -20.97 18.04
N GLY A 125 6.35 -22.11 18.71
CA GLY A 125 5.08 -22.44 19.30
C GLY A 125 4.44 -23.68 18.72
N ALA A 126 3.53 -24.31 19.49
CA ALA A 126 2.84 -25.50 19.04
C ALA A 126 1.63 -25.71 19.92
N SER A 127 0.53 -26.20 19.33
CA SER A 127 -0.64 -26.50 20.13
C SER A 127 -0.48 -27.76 20.96
N SER A 128 0.64 -28.46 20.82
CA SER A 128 0.86 -29.74 21.48
C SER A 128 1.57 -29.60 22.82
N LEU A 129 2.09 -28.41 23.14
CA LEU A 129 2.80 -28.20 24.40
C LEU A 129 1.95 -28.58 25.60
N ASP A 130 2.59 -29.19 26.60
CA ASP A 130 1.86 -29.70 27.76
C ASP A 130 1.03 -28.60 28.42
N VAL A 131 1.50 -27.36 28.38
CA VAL A 131 0.84 -26.25 29.08
C VAL A 131 -0.40 -25.76 28.33
N TYR A 132 -0.67 -26.27 27.13
CA TYR A 132 -1.89 -25.94 26.40
C TYR A 132 -2.88 -27.09 26.36
N ASP A 133 -2.69 -28.11 27.21
CA ASP A 133 -3.59 -29.25 27.23
C ASP A 133 -5.01 -28.81 27.58
N GLY A 134 -5.94 -29.04 26.66
CA GLY A 134 -7.32 -28.61 26.82
C GLY A 134 -8.21 -29.49 27.68
N ARG A 135 -7.71 -30.64 28.14
CA ARG A 135 -8.57 -31.59 28.84
C ARG A 135 -9.12 -31.01 30.15
N PHE A 136 -8.33 -30.21 30.86
CA PHE A 136 -8.76 -29.73 32.17
C PHE A 136 -9.86 -28.68 32.04
N LEU A 137 -9.69 -27.72 31.13
CA LEU A 137 -10.71 -26.72 30.89
C LEU A 137 -12.04 -27.36 30.53
N VAL A 138 -12.00 -28.30 29.57
CA VAL A 138 -13.22 -28.96 29.09
C VAL A 138 -13.90 -29.74 30.21
N GLN A 139 -13.11 -30.49 30.98
CA GLN A 139 -13.68 -31.28 32.06
C GLN A 139 -14.30 -30.40 33.14
N ALA A 140 -13.61 -29.32 33.51
CA ALA A 140 -14.05 -28.54 34.67
C ALA A 140 -15.16 -27.55 34.35
N GLU A 141 -15.23 -27.05 33.11
CA GLU A 141 -16.14 -25.98 32.80
C GLU A 141 -17.12 -26.31 31.67
N ARG A 142 -17.03 -27.50 31.08
CA ARG A 142 -18.00 -28.00 30.09
C ARG A 142 -18.05 -27.07 28.88
N THR A 143 -16.93 -26.99 28.18
CA THR A 143 -16.85 -26.25 26.95
C THR A 143 -16.15 -27.12 25.91
N VAL A 144 -16.26 -26.71 24.65
CA VAL A 144 -15.47 -27.29 23.58
C VAL A 144 -14.23 -26.41 23.40
N LEU A 145 -13.06 -27.01 23.52
CA LEU A 145 -11.79 -26.32 23.34
C LEU A 145 -11.18 -26.76 22.02
N VAL A 146 -10.80 -25.78 21.18
CA VAL A 146 -10.17 -26.03 19.90
C VAL A 146 -8.83 -25.31 19.90
N SER A 147 -7.78 -26.00 19.43
CA SER A 147 -6.50 -25.36 19.19
C SER A 147 -5.97 -25.81 17.84
N MET A 148 -5.21 -24.94 17.18
CA MET A 148 -4.66 -25.23 15.87
C MET A 148 -3.18 -24.91 15.84
N ASN A 149 -2.48 -25.55 14.89
CA ASN A 149 -1.14 -25.13 14.53
C ASN A 149 -1.19 -24.17 13.35
N TYR A 150 -0.21 -23.27 13.29
CA TYR A 150 -0.08 -22.36 12.17
C TYR A 150 1.40 -22.18 11.90
N ARG A 151 1.72 -21.91 10.63
CA ARG A 151 3.12 -21.81 10.22
C ARG A 151 3.77 -20.61 10.89
N VAL A 152 5.03 -20.79 11.29
CA VAL A 152 5.78 -19.77 12.01
C VAL A 152 7.09 -19.50 11.28
N GLY A 153 7.72 -18.38 11.62
CA GLY A 153 8.98 -18.05 10.99
C GLY A 153 8.78 -17.68 9.53
N ALA A 154 9.82 -17.88 8.73
CA ALA A 154 9.73 -17.57 7.30
C ALA A 154 8.58 -18.34 6.66
N PHE A 155 8.38 -19.59 7.09
CA PHE A 155 7.30 -20.40 6.54
C PHE A 155 5.94 -19.75 6.74
N GLY A 156 5.77 -19.02 7.84
CA GLY A 156 4.48 -18.43 8.13
C GLY A 156 4.37 -16.99 7.67
N PHE A 157 5.50 -16.28 7.61
CA PHE A 157 5.44 -14.83 7.53
C PHE A 157 6.53 -14.19 6.68
N LEU A 158 7.39 -14.95 6.02
CA LEU A 158 8.20 -14.34 4.97
C LEU A 158 7.27 -13.69 3.98
N ALA A 159 7.54 -12.44 3.65
CA ALA A 159 6.64 -11.69 2.80
C ALA A 159 7.45 -10.95 1.75
N LEU A 160 7.05 -11.10 0.50
CA LEU A 160 7.51 -10.23 -0.60
C LEU A 160 6.24 -9.54 -1.08
N PRO A 161 5.86 -8.43 -0.46
CA PRO A 161 4.54 -7.83 -0.74
C PRO A 161 4.31 -7.61 -2.23
N GLY A 162 3.08 -7.83 -2.66
CA GLY A 162 2.73 -7.80 -4.06
C GLY A 162 3.01 -9.07 -4.82
N SER A 163 3.78 -10.00 -4.24
CA SER A 163 4.04 -11.25 -4.90
C SER A 163 2.83 -12.16 -4.87
N ARG A 164 2.76 -13.03 -5.86
CA ARG A 164 1.86 -14.18 -5.80
C ARG A 164 2.47 -15.37 -5.09
N GLU A 165 3.80 -15.54 -5.18
CA GLU A 165 4.49 -16.70 -4.65
C GLU A 165 4.79 -16.63 -3.17
N ALA A 166 4.68 -15.44 -2.55
CA ALA A 166 4.96 -15.28 -1.13
C ALA A 166 4.22 -14.06 -0.61
N PRO A 167 2.88 -14.07 -0.61
CA PRO A 167 2.14 -12.84 -0.27
C PRO A 167 2.25 -12.43 1.18
N GLY A 168 2.81 -13.26 2.05
CA GLY A 168 2.91 -12.96 3.45
C GLY A 168 1.62 -13.25 4.21
N ASN A 169 1.76 -13.30 5.54
CA ASN A 169 0.66 -13.50 6.48
C ASN A 169 0.01 -14.87 6.33
N VAL A 170 0.68 -15.83 5.70
CA VAL A 170 0.04 -17.13 5.49
C VAL A 170 -0.21 -17.82 6.83
N GLY A 171 0.63 -17.57 7.83
CA GLY A 171 0.38 -18.11 9.15
C GLY A 171 -0.91 -17.60 9.76
N LEU A 172 -1.28 -16.35 9.46
CA LEU A 172 -2.57 -15.83 9.90
C LEU A 172 -3.70 -16.46 9.11
N LEU A 173 -3.47 -16.70 7.82
CA LEU A 173 -4.47 -17.40 7.01
C LEU A 173 -4.63 -18.85 7.48
N ASP A 174 -3.57 -19.45 8.00
CA ASP A 174 -3.71 -20.76 8.64
C ASP A 174 -4.68 -20.68 9.80
N GLN A 175 -4.58 -19.63 10.62
CA GLN A 175 -5.51 -19.44 11.72
C GLN A 175 -6.92 -19.21 11.22
N ARG A 176 -7.09 -18.32 10.24
CA ARG A 176 -8.41 -18.03 9.72
C ARG A 176 -9.05 -19.28 9.13
N LEU A 177 -8.28 -20.08 8.39
CA LEU A 177 -8.83 -21.31 7.83
C LEU A 177 -9.34 -22.22 8.94
N ALA A 178 -8.61 -22.29 10.06
CA ALA A 178 -9.04 -23.12 11.17
C ALA A 178 -10.33 -22.58 11.78
N LEU A 179 -10.43 -21.26 11.93
CA LEU A 179 -11.67 -20.66 12.41
C LEU A 179 -12.81 -20.97 11.45
N GLN A 180 -12.55 -20.92 10.14
CA GLN A 180 -13.56 -21.36 9.18
C GLN A 180 -13.91 -22.83 9.39
N TRP A 181 -12.90 -23.64 9.73
CA TRP A 181 -13.18 -25.05 10.02
C TRP A 181 -14.12 -25.19 11.20
N VAL A 182 -13.90 -24.37 12.25
CA VAL A 182 -14.70 -24.45 13.46
C VAL A 182 -16.16 -24.15 13.16
N GLN A 183 -16.39 -23.14 12.36
CA GLN A 183 -17.71 -22.72 12.04
C GLN A 183 -18.52 -23.76 11.31
N GLU A 184 -17.87 -24.51 10.47
CA GLU A 184 -18.56 -25.51 9.66
C GLU A 184 -18.64 -26.87 10.35
N ASN A 185 -17.81 -27.09 11.38
CA ASN A 185 -17.62 -28.44 11.91
C ASN A 185 -17.78 -28.59 13.41
N VAL A 186 -17.68 -27.52 14.20
CA VAL A 186 -17.68 -27.72 15.65
C VAL A 186 -19.04 -28.21 16.13
N ALA A 187 -20.12 -27.89 15.41
CA ALA A 187 -21.44 -28.35 15.82
C ALA A 187 -21.51 -29.87 15.84
N ALA A 188 -20.67 -30.54 15.03
CA ALA A 188 -20.61 -32.00 15.05
C ALA A 188 -19.98 -32.55 16.32
N PHE A 189 -19.23 -31.72 17.05
CA PHE A 189 -18.69 -32.11 18.34
C PHE A 189 -19.54 -31.60 19.50
N GLY A 190 -20.67 -30.96 19.22
CA GLY A 190 -21.50 -30.39 20.25
C GLY A 190 -21.24 -28.93 20.53
N GLY A 191 -20.25 -28.33 19.88
CA GLY A 191 -19.97 -26.93 20.10
C GLY A 191 -20.95 -26.01 19.40
N ASP A 192 -21.05 -24.80 19.92
CA ASP A 192 -21.97 -23.80 19.40
C ASP A 192 -21.21 -22.85 18.49
N PRO A 193 -21.37 -22.93 17.17
CA PRO A 193 -20.68 -21.99 16.29
C PRO A 193 -21.16 -20.54 16.44
N THR A 194 -22.27 -20.30 17.14
CA THR A 194 -22.70 -18.92 17.40
C THR A 194 -22.13 -18.36 18.70
N SER A 195 -21.31 -19.13 19.42
CA SER A 195 -20.66 -18.68 20.66
C SER A 195 -19.22 -19.20 20.64
N VAL A 196 -18.34 -18.46 19.95
CA VAL A 196 -16.94 -18.83 19.81
C VAL A 196 -16.09 -17.72 20.40
N THR A 197 -15.24 -18.06 21.36
CA THR A 197 -14.35 -17.11 22.04
C THR A 197 -12.92 -17.42 21.64
N LEU A 198 -12.30 -16.49 20.92
CA LEU A 198 -10.87 -16.58 20.66
C LEU A 198 -10.08 -16.24 21.92
N PHE A 199 -9.01 -16.98 22.18
CA PHE A 199 -8.11 -16.58 23.24
C PHE A 199 -6.71 -17.10 22.97
N GLY A 200 -5.72 -16.22 23.14
CA GLY A 200 -4.33 -16.55 22.90
C GLY A 200 -3.46 -15.70 23.79
N GLU A 201 -2.17 -16.00 23.74
CA GLU A 201 -1.21 -15.33 24.62
C GLU A 201 -0.02 -14.86 23.80
N SER A 202 0.48 -13.65 24.11
CA SER A 202 1.69 -13.11 23.49
C SER A 202 1.44 -12.96 22.00
N ALA A 203 2.25 -13.58 21.13
CA ALA A 203 1.96 -13.55 19.69
C ALA A 203 0.57 -14.10 19.40
N GLY A 204 0.12 -15.07 20.18
CA GLY A 204 -1.25 -15.53 20.04
C GLY A 204 -2.26 -14.45 20.38
N ALA A 205 -1.96 -13.65 21.41
CA ALA A 205 -2.85 -12.54 21.73
C ALA A 205 -2.79 -11.48 20.64
N ALA A 206 -1.59 -11.20 20.10
CA ALA A 206 -1.49 -10.29 18.97
C ALA A 206 -2.32 -10.78 17.79
N SER A 207 -2.24 -12.09 17.48
CA SER A 207 -3.01 -12.62 16.36
C SER A 207 -4.50 -12.49 16.61
N VAL A 208 -4.95 -12.81 17.83
CA VAL A 208 -6.36 -12.65 18.15
C VAL A 208 -6.83 -11.24 17.83
N GLY A 209 -6.02 -10.24 18.18
CA GLY A 209 -6.38 -8.87 17.86
C GLY A 209 -6.43 -8.61 16.37
N MET A 210 -5.51 -9.21 15.61
CA MET A 210 -5.52 -8.99 14.17
C MET A 210 -6.77 -9.59 13.53
N HIS A 211 -7.31 -10.67 14.11
CA HIS A 211 -8.58 -11.18 13.64
C HIS A 211 -9.73 -10.24 13.99
N LEU A 212 -9.64 -9.55 15.12
CA LEU A 212 -10.63 -8.53 15.44
C LEU A 212 -10.64 -7.42 14.41
N LEU A 213 -9.47 -7.09 13.85
CA LEU A 213 -9.32 -5.91 13.01
C LEU A 213 -9.34 -6.25 11.53
N SER A 214 -9.39 -7.53 11.16
CA SER A 214 -9.54 -7.94 9.77
C SER A 214 -10.97 -8.42 9.54
N PRO A 215 -11.79 -7.72 8.76
CA PRO A 215 -13.23 -8.06 8.65
C PRO A 215 -13.49 -9.52 8.29
N PRO A 216 -12.75 -10.12 7.34
CA PRO A 216 -13.07 -11.52 6.98
C PRO A 216 -12.94 -12.50 8.13
N SER A 217 -12.14 -12.21 9.16
CA SER A 217 -12.06 -13.08 10.32
C SER A 217 -13.10 -12.74 11.38
N ARG A 218 -13.55 -11.48 11.42
CA ARG A 218 -14.43 -11.00 12.49
C ARG A 218 -15.77 -11.71 12.48
N GLY A 219 -16.19 -12.26 11.35
CA GLY A 219 -17.42 -13.02 11.33
C GLY A 219 -17.33 -14.44 11.86
N LEU A 220 -16.15 -14.87 12.30
CA LEU A 220 -15.91 -16.25 12.69
C LEU A 220 -15.86 -16.47 14.20
N PHE A 221 -15.91 -15.41 14.99
CA PHE A 221 -15.94 -15.54 16.44
C PHE A 221 -16.77 -14.40 17.01
N HIS A 222 -16.95 -14.43 18.33
CA HIS A 222 -17.86 -13.49 18.97
C HIS A 222 -17.21 -12.74 20.13
N ARG A 223 -16.20 -13.36 20.76
CA ARG A 223 -15.53 -12.77 21.90
C ARG A 223 -14.04 -13.09 21.81
N ALA A 224 -13.23 -12.24 22.44
CA ALA A 224 -11.78 -12.38 22.37
C ALA A 224 -11.17 -12.21 23.76
N VAL A 225 -10.11 -12.97 24.02
CA VAL A 225 -9.28 -12.83 25.22
C VAL A 225 -7.84 -12.62 24.76
N LEU A 226 -7.23 -11.52 25.19
CA LEU A 226 -5.86 -11.16 24.83
C LEU A 226 -5.01 -11.16 26.09
N GLN A 227 -4.12 -12.14 26.21
CA GLN A 227 -3.27 -12.30 27.38
C GLN A 227 -1.84 -11.91 27.01
N SER A 228 -1.34 -10.83 27.60
CA SER A 228 0.07 -10.45 27.50
C SER A 228 0.51 -10.21 26.05
N GLY A 229 -0.39 -9.64 25.26
CA GLY A 229 -0.09 -9.32 23.87
C GLY A 229 -1.20 -8.52 23.24
N ALA A 230 -0.87 -7.86 22.14
CA ALA A 230 -1.82 -7.00 21.44
C ALA A 230 -1.31 -6.77 20.03
N PRO A 231 -2.20 -6.55 19.05
CA PRO A 231 -1.73 -6.37 17.67
C PRO A 231 -0.96 -5.09 17.44
N ASN A 232 -1.10 -4.09 18.31
CA ASN A 232 -0.50 -2.78 18.09
C ASN A 232 0.91 -2.66 18.68
N GLY A 233 1.44 -3.72 19.28
CA GLY A 233 2.80 -3.69 19.78
C GLY A 233 3.82 -3.29 18.72
N PRO A 234 4.99 -2.82 19.16
CA PRO A 234 6.10 -2.55 18.22
C PRO A 234 6.74 -3.80 17.63
N TRP A 235 6.28 -5.00 18.00
CA TRP A 235 6.94 -6.23 17.58
C TRP A 235 6.06 -7.15 16.75
N ALA A 236 4.74 -6.93 16.73
CA ALA A 236 3.81 -7.88 16.13
C ALA A 236 3.52 -7.62 14.66
N THR A 237 3.92 -6.47 14.13
CA THR A 237 3.77 -6.20 12.71
C THR A 237 5.02 -5.53 12.19
N VAL A 238 5.11 -5.45 10.85
CA VAL A 238 6.24 -4.86 10.16
C VAL A 238 5.74 -4.24 8.87
N GLY A 239 6.44 -3.21 8.40
CA GLY A 239 6.07 -2.57 7.15
C GLY A 239 6.43 -3.40 5.93
N MET A 240 5.85 -3.04 4.79
CA MET A 240 6.04 -3.80 3.56
C MET A 240 7.51 -3.79 3.14
N GLY A 241 8.13 -2.63 3.15
CA GLY A 241 9.50 -2.53 2.68
C GLY A 241 10.49 -3.25 3.59
N GLU A 242 10.27 -3.19 4.90
CA GLU A 242 11.16 -3.89 5.80
C GLU A 242 10.96 -5.40 5.67
N ALA A 243 9.71 -5.84 5.48
CA ALA A 243 9.47 -7.25 5.18
C ALA A 243 10.19 -7.67 3.91
N ARG A 244 10.13 -6.85 2.87
CA ARG A 244 10.85 -7.16 1.64
C ARG A 244 12.36 -7.22 1.89
N ARG A 245 12.87 -6.29 2.70
CA ARG A 245 14.31 -6.26 2.96
C ARG A 245 14.77 -7.53 3.68
N ARG A 246 14.00 -7.96 4.67
CA ARG A 246 14.35 -9.16 5.43
C ARG A 246 14.21 -10.41 4.57
N ALA A 247 13.11 -10.51 3.81
CA ALA A 247 12.93 -11.63 2.91
C ALA A 247 14.05 -11.72 1.89
N THR A 248 14.43 -10.58 1.32
CA THR A 248 15.48 -10.58 0.30
C THR A 248 16.83 -10.97 0.90
N GLN A 249 17.15 -10.49 2.11
CA GLN A 249 18.45 -10.83 2.69
C GLN A 249 18.49 -12.28 3.14
N LEU A 250 17.37 -12.79 3.65
CA LEU A 250 17.29 -14.21 3.97
C LEU A 250 17.58 -15.04 2.74
N ALA A 251 16.94 -14.72 1.62
CA ALA A 251 17.20 -15.40 0.37
C ALA A 251 18.67 -15.27 -0.03
N HIS A 252 19.20 -14.04 0.05
CA HIS A 252 20.60 -13.81 -0.30
C HIS A 252 21.53 -14.69 0.54
N LEU A 253 21.21 -14.84 1.83
CA LEU A 253 22.09 -15.57 2.74
C LEU A 253 22.09 -17.07 2.49
N VAL A 254 21.06 -17.61 1.82
CA VAL A 254 20.95 -19.03 1.57
C VAL A 254 21.10 -19.37 0.10
N GLY A 255 21.60 -18.44 -0.72
CA GLY A 255 21.95 -18.72 -2.09
C GLY A 255 21.05 -18.11 -3.14
N CYS A 256 19.91 -17.54 -2.79
CA CYS A 256 18.93 -17.15 -3.79
C CYS A 256 18.86 -15.63 -3.92
N PRO A 257 19.00 -15.08 -5.13
CA PRO A 257 19.26 -15.88 -6.33
C PRO A 257 20.77 -16.06 -6.57
N PRO A 258 21.15 -17.08 -7.35
CA PRO A 258 22.56 -17.25 -7.72
C PRO A 258 23.07 -16.11 -8.60
N THR A 261 20.88 -10.84 -5.81
CA THR A 261 20.06 -10.20 -4.78
C THR A 261 18.73 -9.72 -5.36
N GLY A 262 17.64 -10.19 -4.76
CA GLY A 262 16.31 -9.73 -5.17
C GLY A 262 16.00 -10.13 -6.60
N GLY A 263 15.55 -9.15 -7.38
CA GLY A 263 15.26 -9.37 -8.80
C GLY A 263 13.78 -9.71 -9.02
N ASN A 264 13.53 -10.95 -9.45
CA ASN A 264 12.20 -11.42 -9.79
C ASN A 264 11.66 -12.25 -8.63
N ASP A 265 10.41 -11.99 -8.23
CA ASP A 265 9.90 -12.61 -7.01
C ASP A 265 9.62 -14.09 -7.20
N THR A 266 9.00 -14.48 -8.32
CA THR A 266 8.70 -15.89 -8.54
C THR A 266 9.98 -16.72 -8.63
N GLU A 267 10.97 -16.23 -9.37
CA GLU A 267 12.25 -16.92 -9.44
C GLU A 267 12.94 -16.95 -8.08
N LEU A 268 12.78 -15.90 -7.27
CA LEU A 268 13.40 -15.88 -5.95
C LEU A 268 12.73 -16.85 -4.99
N VAL A 269 11.40 -16.87 -4.98
CA VAL A 269 10.70 -17.81 -4.11
C VAL A 269 10.89 -19.24 -4.60
N ALA A 270 10.94 -19.43 -5.92
CA ALA A 270 11.19 -20.76 -6.45
C ALA A 270 12.52 -21.31 -5.94
N CYS A 271 13.53 -20.45 -5.84
CA CYS A 271 14.84 -20.87 -5.33
C CYS A 271 14.78 -21.15 -3.84
N LEU A 272 14.12 -20.27 -3.08
CA LEU A 272 13.92 -20.52 -1.66
C LEU A 272 13.22 -21.83 -1.41
N ARG A 273 12.35 -22.25 -2.33
CA ARG A 273 11.59 -23.48 -2.14
C ARG A 273 12.46 -24.72 -2.25
N THR A 274 13.59 -24.63 -2.95
CA THR A 274 14.50 -25.76 -3.06
C THR A 274 15.44 -25.85 -1.86
N ARG A 275 15.34 -24.95 -0.89
CA ARG A 275 16.25 -25.00 0.25
C ARG A 275 15.63 -25.79 1.39
N PRO A 276 16.42 -26.62 2.08
CA PRO A 276 15.88 -27.37 3.21
C PRO A 276 15.35 -26.44 4.30
N ALA A 277 14.32 -26.91 5.00
CA ALA A 277 13.69 -26.09 6.03
C ALA A 277 14.67 -25.66 7.10
N GLN A 278 15.54 -26.57 7.54
CA GLN A 278 16.50 -26.24 8.58
C GLN A 278 17.47 -25.14 8.13
N VAL A 279 17.84 -25.11 6.86
CA VAL A 279 18.72 -24.06 6.37
C VAL A 279 18.05 -22.70 6.49
N LEU A 280 16.76 -22.62 6.18
CA LEU A 280 16.03 -21.37 6.33
C LEU A 280 15.97 -20.95 7.80
N VAL A 281 15.66 -21.89 8.69
CA VAL A 281 15.57 -21.58 10.11
C VAL A 281 16.91 -21.08 10.64
N ASN A 282 18.00 -21.71 10.21
CA ASN A 282 19.33 -21.38 10.73
C ASN A 282 19.82 -20.00 10.32
N HIS A 283 19.12 -19.32 9.42
CA HIS A 283 19.52 -17.98 9.01
C HIS A 283 18.46 -16.91 9.28
N GLU A 284 17.38 -17.26 9.99
CA GLU A 284 16.27 -16.33 10.15
C GLU A 284 16.67 -15.10 10.95
N TRP A 285 17.43 -15.27 12.02
CA TRP A 285 17.73 -14.13 12.89
C TRP A 285 18.84 -13.24 12.36
N HIS A 286 19.51 -13.64 11.29
CA HIS A 286 20.57 -12.81 10.74
C HIS A 286 20.03 -11.60 10.00
N VAL A 287 18.72 -11.51 9.77
CA VAL A 287 18.15 -10.41 9.01
C VAL A 287 17.64 -9.27 9.90
N LEU A 288 17.57 -9.47 11.21
CA LEU A 288 17.20 -8.37 12.09
C LEU A 288 18.29 -7.31 12.06
N PRO A 289 17.91 -6.02 11.96
CA PRO A 289 18.92 -5.00 11.66
C PRO A 289 19.81 -4.60 12.83
N GLN A 290 19.37 -4.77 14.08
CA GLN A 290 20.19 -4.41 15.23
C GLN A 290 20.10 -5.50 16.30
N GLU A 291 21.03 -5.44 17.24
CA GLU A 291 20.99 -6.31 18.42
C GLU A 291 19.84 -5.88 19.32
N SER A 292 18.93 -6.81 19.62
CA SER A 292 17.68 -6.45 20.28
C SER A 292 17.14 -7.62 21.07
N VAL A 293 16.09 -7.34 21.85
CA VAL A 293 15.24 -8.35 22.45
C VAL A 293 13.81 -7.97 22.12
N PHE A 294 12.91 -8.96 22.22
CA PHE A 294 11.49 -8.77 21.92
C PHE A 294 11.29 -8.24 20.49
N ARG A 295 12.12 -8.68 19.56
CA ARG A 295 12.01 -8.36 18.15
C ARG A 295 12.17 -9.63 17.33
N PHE A 296 11.34 -9.79 16.29
CA PHE A 296 11.26 -11.06 15.56
C PHE A 296 11.30 -10.84 14.05
N SER A 297 11.99 -11.74 13.36
CA SER A 297 12.35 -11.52 11.96
C SER A 297 11.13 -11.49 11.05
N PHE A 298 10.25 -12.49 11.17
CA PHE A 298 9.14 -12.63 10.24
C PHE A 298 7.84 -12.62 11.04
N VAL A 299 7.08 -11.55 10.89
CA VAL A 299 5.86 -11.31 11.65
C VAL A 299 4.79 -10.85 10.66
N PRO A 300 3.52 -10.75 11.08
CA PRO A 300 2.51 -10.17 10.19
C PRO A 300 2.98 -8.87 9.56
N VAL A 301 2.67 -8.69 8.28
CA VAL A 301 3.00 -7.47 7.55
C VAL A 301 1.72 -6.70 7.26
N VAL A 302 1.85 -5.37 7.26
CA VAL A 302 0.72 -4.46 7.03
C VAL A 302 0.78 -4.07 5.55
N ASP A 303 0.10 -4.83 4.74
CA ASP A 303 0.07 -4.65 3.31
C ASP A 303 -1.24 -4.23 2.71
N GLY A 304 -2.18 -3.82 3.51
CA GLY A 304 -3.48 -3.41 3.02
C GLY A 304 -4.43 -4.54 2.72
N ASP A 305 -3.99 -5.79 2.83
CA ASP A 305 -4.88 -6.91 2.54
C ASP A 305 -5.47 -7.45 3.83
N PHE A 306 -4.77 -8.37 4.50
CA PHE A 306 -5.25 -8.89 5.77
C PHE A 306 -5.52 -7.74 6.76
N LEU A 307 -4.62 -6.77 6.82
CA LEU A 307 -4.81 -5.55 7.60
C LEU A 307 -4.81 -4.37 6.63
N SER A 308 -5.96 -3.73 6.45
CA SER A 308 -6.03 -2.59 5.53
C SER A 308 -5.24 -1.39 6.02
N ASP A 309 -4.86 -1.37 7.29
CA ASP A 309 -4.02 -0.31 7.85
C ASP A 309 -3.31 -0.89 9.07
N THR A 310 -2.49 -0.06 9.71
CA THR A 310 -1.81 -0.51 10.91
C THR A 310 -2.83 -0.80 12.01
N PRO A 311 -2.53 -1.74 12.91
CA PRO A 311 -3.46 -2.01 14.01
C PRO A 311 -3.79 -0.78 14.84
N GLU A 312 -2.84 0.15 15.01
CA GLU A 312 -3.14 1.39 15.71
C GLU A 312 -4.25 2.15 14.99
N ALA A 313 -4.09 2.38 13.69
CA ALA A 313 -5.12 3.11 12.94
C ALA A 313 -6.44 2.35 12.94
N LEU A 314 -6.41 1.03 12.74
CA LEU A 314 -7.65 0.27 12.70
C LEU A 314 -8.36 0.31 14.05
N ILE A 315 -7.60 0.22 15.14
CA ILE A 315 -8.19 0.32 16.47
C ILE A 315 -8.85 1.69 16.66
N ASN A 316 -8.28 2.74 16.07
CA ASN A 316 -8.82 4.08 16.26
C ASN A 316 -10.11 4.29 15.48
N ALA A 317 -10.22 3.70 14.29
CA ALA A 317 -11.39 3.87 13.45
C ALA A 317 -12.46 2.80 13.69
N GLY A 318 -12.23 1.88 14.62
CA GLY A 318 -13.15 0.76 14.78
C GLY A 318 -14.38 1.12 15.59
N ASP A 319 -15.51 0.56 15.17
CA ASP A 319 -16.75 0.58 15.94
C ASP A 319 -16.90 -0.80 16.56
N PHE A 320 -16.67 -0.89 17.87
CA PHE A 320 -16.61 -2.17 18.56
C PHE A 320 -17.83 -2.42 19.44
N HIS A 321 -18.97 -1.81 19.09
CA HIS A 321 -20.20 -2.08 19.83
C HIS A 321 -20.62 -3.54 19.66
N GLY A 322 -21.07 -4.15 20.75
CA GLY A 322 -21.47 -5.55 20.72
C GLY A 322 -20.34 -6.53 20.84
N LEU A 323 -19.18 -6.10 21.35
CA LEU A 323 -18.01 -6.97 21.48
C LEU A 323 -17.55 -6.97 22.94
N GLN A 324 -17.25 -8.15 23.46
CA GLN A 324 -16.72 -8.30 24.80
C GLN A 324 -15.28 -8.81 24.72
N VAL A 325 -14.39 -8.17 25.46
CA VAL A 325 -12.96 -8.45 25.41
C VAL A 325 -12.44 -8.62 26.83
N LEU A 326 -11.56 -9.60 27.02
CA LEU A 326 -10.86 -9.80 28.28
C LEU A 326 -9.36 -9.71 28.01
N VAL A 327 -8.71 -8.76 28.67
CA VAL A 327 -7.29 -8.48 28.44
C VAL A 327 -6.57 -8.48 29.78
N GLY A 328 -5.25 -8.65 29.71
CA GLY A 328 -4.46 -8.61 30.92
C GLY A 328 -3.00 -8.88 30.65
N VAL A 329 -2.22 -8.80 31.72
CA VAL A 329 -0.77 -8.95 31.67
C VAL A 329 -0.34 -9.61 32.97
N VAL A 330 0.90 -10.09 32.99
CA VAL A 330 1.46 -10.61 34.23
C VAL A 330 2.15 -9.48 34.97
N LYS A 331 2.59 -9.73 36.20
CA LYS A 331 3.11 -8.65 37.03
C LYS A 331 4.44 -8.12 36.52
N ASP A 332 5.28 -8.99 35.99
CA ASP A 332 6.64 -8.62 35.55
C ASP A 332 6.84 -9.11 34.12
N GLU A 333 6.25 -8.37 33.16
CA GLU A 333 6.23 -8.80 31.77
C GLU A 333 7.63 -8.88 31.16
N GLY A 334 8.51 -7.95 31.54
CA GLY A 334 9.76 -7.80 30.81
C GLY A 334 10.95 -8.57 31.29
N SER A 335 10.86 -9.24 32.45
CA SER A 335 12.06 -9.86 33.03
C SER A 335 12.56 -11.04 32.20
N TYR A 336 11.65 -11.91 31.75
CA TYR A 336 12.02 -13.10 30.98
C TYR A 336 12.91 -12.76 29.78
N PHE A 337 12.66 -11.63 29.14
CA PHE A 337 13.37 -11.28 27.91
C PHE A 337 14.77 -10.72 28.15
N LEU A 338 15.10 -10.33 29.37
CA LEU A 338 16.40 -9.71 29.62
C LEU A 338 17.55 -10.71 29.60
N VAL A 339 17.30 -11.98 29.96
CA VAL A 339 18.36 -12.98 29.94
C VAL A 339 18.72 -13.46 28.55
N TYR A 340 18.11 -12.89 27.50
CA TYR A 340 18.40 -13.25 26.12
C TYR A 340 19.08 -12.12 25.37
N GLY A 341 19.97 -11.38 26.03
CA GLY A 341 20.72 -10.36 25.33
C GLY A 341 21.10 -9.14 26.14
N ALA A 342 20.30 -8.79 27.14
CA ALA A 342 20.61 -7.60 27.92
C ALA A 342 21.94 -7.79 28.65
N PRO A 343 22.88 -6.86 28.50
CA PRO A 343 24.20 -7.05 29.12
C PRO A 343 24.11 -7.09 30.63
N GLY A 344 24.79 -8.08 31.22
CA GLY A 344 24.83 -8.25 32.65
C GLY A 344 23.76 -9.16 33.23
N PHE A 345 22.83 -9.63 32.41
CA PHE A 345 21.70 -10.40 32.91
C PHE A 345 21.97 -11.90 32.78
N SER A 346 21.47 -12.64 33.77
CA SER A 346 21.53 -14.10 33.78
C SER A 346 20.43 -14.57 34.70
N LYS A 347 19.90 -15.75 34.39
CA LYS A 347 18.99 -16.39 35.32
C LYS A 347 19.74 -17.01 36.50
N ASP A 348 21.06 -17.11 36.42
CA ASP A 348 21.85 -17.83 37.41
C ASP A 348 22.51 -16.92 38.44
N ASN A 349 22.56 -15.61 38.20
CA ASN A 349 22.88 -14.66 39.24
C ASN A 349 21.73 -13.68 39.39
N GLU A 350 21.91 -12.68 40.24
CA GLU A 350 20.85 -11.73 40.55
C GLU A 350 20.78 -10.57 39.56
N SER A 351 21.65 -10.56 38.55
CA SER A 351 21.63 -9.58 37.46
C SER A 351 21.49 -8.15 38.00
N LEU A 352 22.29 -7.84 39.02
CA LEU A 352 22.31 -6.47 39.55
C LEU A 352 23.25 -5.67 38.66
N ILE A 353 22.67 -5.07 37.62
CA ILE A 353 23.45 -4.45 36.56
C ILE A 353 23.99 -3.09 37.01
N SER A 354 25.02 -2.64 36.30
CA SER A 354 25.56 -1.30 36.45
C SER A 354 24.72 -0.30 35.65
N ARG A 355 25.01 0.98 35.82
CA ARG A 355 24.27 1.99 35.06
C ARG A 355 24.65 1.95 33.59
N ALA A 356 25.93 1.71 33.28
CA ALA A 356 26.35 1.54 31.89
C ALA A 356 25.58 0.40 31.23
N GLU A 357 25.45 -0.73 31.92
CA GLU A 357 24.68 -1.85 31.38
C GLU A 357 23.20 -1.49 31.24
N PHE A 358 22.68 -0.66 32.15
CA PHE A 358 21.30 -0.17 32.00
C PHE A 358 21.15 0.64 30.71
N LEU A 359 22.04 1.61 30.50
CA LEU A 359 21.95 2.43 29.29
C LEU A 359 22.13 1.56 28.04
N ALA A 360 23.05 0.61 28.08
CA ALA A 360 23.25 -0.26 26.94
C ALA A 360 22.02 -1.14 26.71
N GLY A 361 21.42 -1.64 27.80
CA GLY A 361 20.22 -2.44 27.66
C GLY A 361 19.04 -1.68 27.10
N VAL A 362 18.97 -0.37 27.39
CA VAL A 362 17.87 0.44 26.85
C VAL A 362 17.91 0.43 25.32
N ARG A 363 19.10 0.50 24.73
CA ARG A 363 19.22 0.43 23.28
C ARG A 363 18.81 -0.95 22.76
N VAL A 364 19.17 -2.00 23.49
CA VAL A 364 18.73 -3.34 23.12
C VAL A 364 17.23 -3.48 23.33
N GLY A 365 16.70 -2.87 24.38
CA GLY A 365 15.27 -2.98 24.66
C GLY A 365 14.41 -2.14 23.74
N VAL A 366 14.91 -1.00 23.30
CA VAL A 366 14.17 -0.12 22.39
C VAL A 366 15.04 0.09 21.15
N PRO A 367 15.09 -0.87 20.23
CA PRO A 367 16.01 -0.75 19.10
C PRO A 367 15.42 0.06 17.97
N GLN A 368 16.31 0.62 17.14
CA GLN A 368 15.94 1.35 15.94
C GLN A 368 15.13 2.61 16.26
N VAL A 369 15.61 3.36 17.26
CA VAL A 369 15.05 4.66 17.61
C VAL A 369 16.19 5.68 17.69
N SER A 370 15.83 6.95 17.52
CA SER A 370 16.82 8.01 17.59
C SER A 370 17.43 8.08 18.99
N ASP A 371 18.63 8.68 19.05
CA ASP A 371 19.26 8.90 20.35
C ASP A 371 18.35 9.70 21.27
N LEU A 372 17.67 10.72 20.71
CA LEU A 372 16.73 11.50 21.50
C LEU A 372 15.67 10.63 22.13
N ALA A 373 15.08 9.73 21.34
CA ALA A 373 14.06 8.83 21.87
C ALA A 373 14.64 7.95 22.98
N ALA A 374 15.89 7.54 22.84
CA ALA A 374 16.52 6.72 23.88
C ALA A 374 16.76 7.54 25.15
N GLU A 375 17.13 8.82 25.00
CA GLU A 375 17.30 9.65 26.19
C GLU A 375 15.96 9.86 26.89
N ALA A 376 14.87 9.98 26.13
CA ALA A 376 13.55 10.08 26.73
C ALA A 376 13.23 8.84 27.57
N VAL A 377 13.55 7.66 27.05
CA VAL A 377 13.33 6.43 27.82
C VAL A 377 14.15 6.47 29.10
N VAL A 378 15.43 6.87 28.99
CA VAL A 378 16.29 6.91 30.16
C VAL A 378 15.77 7.92 31.18
N LEU A 379 15.17 9.02 30.70
CA LEU A 379 14.64 10.03 31.61
C LEU A 379 13.51 9.48 32.47
N HIS A 380 12.56 8.77 31.86
CA HIS A 380 11.38 8.31 32.58
C HIS A 380 11.67 7.13 33.48
N TYR A 381 12.72 6.36 33.23
CA TYR A 381 12.97 5.14 33.98
C TYR A 381 14.17 5.24 34.90
N THR A 382 14.85 6.38 34.93
CA THR A 382 15.86 6.65 35.94
C THR A 382 15.21 7.26 37.18
N ASP A 383 15.63 6.80 38.35
CA ASP A 383 15.29 7.44 39.62
C ASP A 383 16.43 8.42 39.92
N TRP A 384 16.19 9.70 39.68
CA TRP A 384 17.28 10.66 39.76
C TRP A 384 17.74 10.94 41.19
N LEU A 385 17.14 10.28 42.19
CA LEU A 385 17.71 10.25 43.54
C LEU A 385 18.52 8.98 43.81
N HIS A 386 18.28 7.91 43.05
CA HIS A 386 19.06 6.69 43.13
C HIS A 386 19.41 6.22 41.72
N PRO A 387 20.21 7.00 40.99
CA PRO A 387 20.37 6.74 39.55
C PRO A 387 21.22 5.54 39.23
N GLU A 388 21.99 5.03 40.20
CA GLU A 388 22.92 3.93 39.93
C GLU A 388 22.67 2.73 40.83
N ASP A 389 21.52 2.67 41.50
CA ASP A 389 21.20 1.51 42.34
C ASP A 389 21.04 0.27 41.48
N PRO A 390 21.89 -0.75 41.66
CA PRO A 390 21.82 -1.91 40.76
C PRO A 390 20.47 -2.61 40.74
N ALA A 391 19.84 -2.81 41.90
CA ALA A 391 18.55 -3.48 41.92
C ALA A 391 17.47 -2.62 41.27
N ARG A 392 17.48 -1.30 41.51
CA ARG A 392 16.52 -0.41 40.88
C ARG A 392 16.70 -0.38 39.36
N LEU A 393 17.97 -0.40 38.91
CA LEU A 393 18.23 -0.44 37.46
C LEU A 393 17.76 -1.75 36.85
N ARG A 394 17.92 -2.86 37.56
CA ARG A 394 17.47 -4.15 37.03
C ARG A 394 15.97 -4.16 36.85
N GLU A 395 15.23 -3.62 37.82
CA GLU A 395 13.78 -3.56 37.71
C GLU A 395 13.34 -2.51 36.70
N ALA A 396 14.10 -1.42 36.56
CA ALA A 396 13.73 -0.40 35.61
C ALA A 396 13.84 -0.91 34.18
N LEU A 397 14.92 -1.63 33.87
CA LEU A 397 15.08 -2.15 32.51
C LEU A 397 13.99 -3.17 32.19
N SER A 398 13.64 -4.03 33.15
CA SER A 398 12.54 -4.95 32.94
C SER A 398 11.23 -4.21 32.73
N ASP A 399 11.07 -3.06 33.39
CA ASP A 399 9.87 -2.24 33.15
C ASP A 399 9.88 -1.65 31.76
N VAL A 400 11.05 -1.21 31.29
CA VAL A 400 11.16 -0.69 29.92
C VAL A 400 10.69 -1.74 28.92
N VAL A 401 11.28 -2.93 28.99
CA VAL A 401 10.91 -3.99 28.05
C VAL A 401 9.44 -4.35 28.19
N GLY A 402 8.94 -4.47 29.41
CA GLY A 402 7.57 -4.90 29.60
C GLY A 402 6.55 -3.84 29.20
N ASP A 403 6.74 -2.61 29.67
CA ASP A 403 5.81 -1.53 29.33
C ASP A 403 5.77 -1.30 27.82
N HIS A 404 6.95 -1.23 27.19
CA HIS A 404 7.05 -0.92 25.76
C HIS A 404 6.34 -1.97 24.92
N ASN A 405 6.58 -3.25 25.20
CA ASN A 405 6.16 -4.33 24.32
C ASN A 405 4.80 -4.92 24.67
N VAL A 406 4.39 -4.88 25.93
CA VAL A 406 3.20 -5.59 26.36
C VAL A 406 2.21 -4.67 27.06
N VAL A 407 2.61 -4.14 28.23
CA VAL A 407 1.66 -3.50 29.13
C VAL A 407 0.93 -2.35 28.46
N CYS A 408 1.67 -1.45 27.85
CA CYS A 408 1.09 -0.22 27.29
C CYS A 408 0.31 -0.52 25.99
N PRO A 409 0.86 -1.35 25.09
CA PRO A 409 0.05 -1.81 23.93
C PRO A 409 -1.28 -2.42 24.35
N VAL A 410 -1.27 -3.33 25.33
CA VAL A 410 -2.51 -3.87 25.86
C VAL A 410 -3.39 -2.76 26.42
N ALA A 411 -2.78 -1.82 27.16
CA ALA A 411 -3.57 -0.75 27.77
C ALA A 411 -4.19 0.16 26.72
N GLN A 412 -3.42 0.54 25.70
CA GLN A 412 -3.98 1.36 24.62
C GLN A 412 -5.14 0.65 23.94
N LEU A 413 -4.98 -0.66 23.68
CA LEU A 413 -6.08 -1.42 23.08
C LEU A 413 -7.30 -1.45 24.00
N ALA A 414 -7.08 -1.75 25.29
CA ALA A 414 -8.19 -1.79 26.23
C ALA A 414 -8.94 -0.46 26.27
N GLY A 415 -8.20 0.65 26.31
CA GLY A 415 -8.83 1.95 26.45
C GLY A 415 -9.61 2.38 25.21
N ARG A 416 -9.02 2.19 24.03
CA ARG A 416 -9.71 2.57 22.80
C ARG A 416 -10.91 1.68 22.53
N LEU A 417 -10.80 0.39 22.85
CA LEU A 417 -11.95 -0.50 22.65
C LEU A 417 -13.08 -0.18 23.61
N ALA A 418 -12.73 0.19 24.85
CA ALA A 418 -13.76 0.60 25.81
C ALA A 418 -14.46 1.87 25.36
N ALA A 419 -13.69 2.86 24.91
CA ALA A 419 -14.27 4.13 24.50
C ALA A 419 -15.08 4.03 23.21
N GLN A 420 -14.94 2.95 22.45
CA GLN A 420 -15.59 2.84 21.16
C GLN A 420 -16.58 1.68 21.10
N GLY A 421 -17.16 1.31 22.25
CA GLY A 421 -18.33 0.45 22.28
C GLY A 421 -18.15 -0.88 22.98
N ALA A 422 -16.92 -1.36 23.11
CA ALA A 422 -16.72 -2.72 23.62
C ALA A 422 -16.76 -2.75 25.14
N ARG A 423 -17.32 -3.81 25.69
CA ARG A 423 -17.22 -4.09 27.12
C ARG A 423 -15.91 -4.83 27.38
N VAL A 424 -15.00 -4.20 28.12
CA VAL A 424 -13.64 -4.69 28.32
C VAL A 424 -13.44 -5.04 29.79
N TYR A 425 -12.79 -6.16 30.04
CA TYR A 425 -12.31 -6.52 31.37
C TYR A 425 -10.80 -6.68 31.32
N ALA A 426 -10.13 -6.27 32.39
CA ALA A 426 -8.67 -6.26 32.44
C ALA A 426 -8.19 -6.84 33.75
N TYR A 427 -7.06 -7.55 33.69
CA TYR A 427 -6.48 -8.18 34.87
C TYR A 427 -4.98 -7.93 34.87
N VAL A 428 -4.38 -8.12 36.05
CA VAL A 428 -2.94 -8.31 36.18
C VAL A 428 -2.75 -9.61 36.97
N PHE A 429 -2.06 -10.56 36.36
CA PHE A 429 -1.83 -11.86 37.00
C PHE A 429 -0.62 -11.74 37.90
N GLU A 430 -0.80 -11.99 39.21
CA GLU A 430 0.22 -11.62 40.18
C GLU A 430 0.67 -12.77 41.06
N HIS A 431 0.44 -14.02 40.64
CA HIS A 431 0.84 -15.18 41.44
C HIS A 431 2.09 -15.82 40.82
N ARG A 432 3.15 -15.89 41.61
CA ARG A 432 4.35 -16.64 41.24
C ARG A 432 4.15 -18.09 41.68
N ALA A 433 4.11 -19.01 40.70
CA ALA A 433 3.82 -20.40 40.99
C ALA A 433 4.90 -21.02 41.87
N SER A 434 4.46 -21.93 42.75
CA SER A 434 5.41 -22.61 43.63
C SER A 434 6.39 -23.46 42.85
N THR A 435 5.98 -23.95 41.68
CA THR A 435 6.78 -24.82 40.83
C THR A 435 7.71 -24.06 39.90
N LEU A 436 7.76 -22.74 40.00
CA LEU A 436 8.51 -21.96 39.03
C LEU A 436 10.01 -22.25 39.12
N SER A 437 10.66 -22.34 37.97
CA SER A 437 12.09 -22.62 37.88
C SER A 437 12.95 -21.38 37.75
N TRP A 438 12.37 -20.26 37.29
CA TRP A 438 13.12 -19.03 37.13
C TRP A 438 13.49 -18.45 38.49
N PRO A 439 14.52 -17.59 38.54
CA PRO A 439 14.94 -17.01 39.81
C PRO A 439 13.93 -16.01 40.35
N LEU A 440 14.13 -15.65 41.62
CA LEU A 440 13.15 -14.81 42.33
C LEU A 440 13.08 -13.41 41.75
N TRP A 441 14.22 -12.85 41.32
CA TRP A 441 14.22 -11.47 40.85
C TRP A 441 13.35 -11.29 39.60
N MET A 442 13.01 -12.36 38.89
CA MET A 442 12.17 -12.24 37.71
C MET A 442 10.68 -12.11 38.05
N GLY A 443 10.30 -12.31 39.31
CA GLY A 443 8.93 -12.08 39.71
C GLY A 443 7.98 -13.08 39.09
N VAL A 444 6.88 -12.57 38.55
CA VAL A 444 5.92 -13.36 37.77
C VAL A 444 6.22 -13.10 36.30
N PRO A 445 7.00 -13.94 35.64
CA PRO A 445 7.49 -13.61 34.30
C PRO A 445 6.43 -13.85 33.22
N HIS A 446 6.75 -13.34 32.03
CA HIS A 446 5.88 -13.45 30.89
C HIS A 446 5.54 -14.91 30.57
N GLY A 447 4.25 -15.19 30.40
CA GLY A 447 3.80 -16.50 29.96
C GLY A 447 3.41 -17.48 31.05
N TYR A 448 3.48 -17.09 32.33
CA TYR A 448 3.29 -18.06 33.40
C TYR A 448 1.92 -17.98 34.06
N GLU A 449 0.99 -17.24 33.48
CA GLU A 449 -0.41 -17.37 33.82
C GLU A 449 -1.10 -18.48 33.02
N ILE A 450 -0.51 -18.91 31.89
CA ILE A 450 -1.20 -19.83 30.99
C ILE A 450 -1.54 -21.13 31.71
N GLU A 451 -0.57 -21.70 32.41
CA GLU A 451 -0.78 -23.01 33.06
C GLU A 451 -1.96 -22.98 34.03
N PHE A 452 -2.23 -21.84 34.65
CA PHE A 452 -3.39 -21.74 35.54
C PHE A 452 -4.67 -21.56 34.76
N ILE A 453 -4.63 -20.89 33.60
CA ILE A 453 -5.81 -20.76 32.75
C ILE A 453 -6.24 -22.13 32.24
N PHE A 454 -5.28 -22.96 31.86
CA PHE A 454 -5.58 -24.28 31.32
C PHE A 454 -5.78 -25.33 32.41
N GLY A 455 -5.72 -24.96 33.68
CA GLY A 455 -5.92 -25.92 34.76
C GLY A 455 -4.82 -26.95 34.91
N ILE A 456 -3.61 -26.65 34.45
CA ILE A 456 -2.50 -27.60 34.59
C ILE A 456 -2.26 -28.03 36.03
N PRO A 457 -2.35 -27.16 37.04
CA PRO A 457 -2.09 -27.64 38.42
C PRO A 457 -2.96 -28.81 38.86
N LEU A 458 -4.07 -29.08 38.20
CA LEU A 458 -4.90 -30.21 38.57
C LEU A 458 -4.33 -31.55 38.13
N ASP A 459 -3.28 -31.55 37.33
CA ASP A 459 -2.60 -32.77 36.94
C ASP A 459 -1.94 -33.40 38.16
N PRO A 460 -2.32 -34.62 38.57
CA PRO A 460 -1.73 -35.18 39.80
C PRO A 460 -0.22 -35.40 39.72
N SER A 461 0.32 -35.64 38.52
CA SER A 461 1.75 -35.82 38.39
C SER A 461 2.54 -34.54 38.70
N ARG A 462 1.90 -33.38 38.64
CA ARG A 462 2.58 -32.15 39.02
C ARG A 462 2.53 -31.96 40.54
N ASN A 463 3.31 -30.98 41.01
CA ASN A 463 3.54 -30.80 42.43
C ASN A 463 3.06 -29.43 42.90
N TYR A 464 1.93 -28.97 42.37
CA TYR A 464 1.37 -27.70 42.81
C TYR A 464 0.72 -27.85 44.18
N THR A 465 0.64 -26.74 44.91
CA THR A 465 -0.04 -26.77 46.19
C THR A 465 -1.55 -26.91 45.98
N ALA A 466 -2.26 -27.24 47.05
CA ALA A 466 -3.72 -27.31 46.98
C ALA A 466 -4.32 -25.95 46.67
N GLU A 467 -3.82 -24.90 47.32
CA GLU A 467 -4.37 -23.56 47.09
C GLU A 467 -4.20 -23.13 45.64
N GLU A 468 -3.09 -23.51 45.00
CA GLU A 468 -2.92 -23.22 43.59
C GLU A 468 -3.91 -23.98 42.72
N LYS A 469 -4.44 -25.11 43.21
CA LYS A 469 -5.45 -25.83 42.45
C LYS A 469 -6.79 -25.11 42.49
N ILE A 470 -7.18 -24.63 43.67
CA ILE A 470 -8.38 -23.80 43.78
C ILE A 470 -8.23 -22.54 42.94
N PHE A 471 -7.04 -21.94 42.96
CA PHE A 471 -6.77 -20.78 42.12
C PHE A 471 -6.97 -21.11 40.63
N ALA A 472 -6.49 -22.27 40.20
CA ALA A 472 -6.71 -22.67 38.81
C ALA A 472 -8.19 -22.83 38.50
N GLN A 473 -8.95 -23.43 39.42
CA GLN A 473 -10.37 -23.59 39.20
C GLN A 473 -11.09 -22.24 39.15
N ARG A 474 -10.60 -21.26 39.91
CA ARG A 474 -11.23 -19.94 39.88
C ARG A 474 -11.01 -19.26 38.53
N LEU A 475 -9.78 -19.31 38.02
CA LEU A 475 -9.48 -18.65 36.76
C LEU A 475 -10.18 -19.33 35.59
N MET A 476 -10.17 -20.67 35.57
CA MET A 476 -10.90 -21.39 34.53
C MET A 476 -12.37 -20.97 34.51
N ARG A 477 -12.94 -20.79 35.71
CA ARG A 477 -14.34 -20.36 35.79
C ARG A 477 -14.52 -18.94 35.26
N TYR A 478 -13.60 -18.02 35.60
CA TYR A 478 -13.62 -16.69 35.01
C TYR A 478 -13.60 -16.76 33.49
N TRP A 479 -12.59 -17.45 32.94
CA TRP A 479 -12.46 -17.56 31.48
C TRP A 479 -13.69 -18.19 30.86
N ALA A 480 -14.24 -19.24 31.48
CA ALA A 480 -15.40 -19.89 30.90
C ALA A 480 -16.64 -19.03 31.05
N ASN A 481 -16.77 -18.33 32.18
CA ASN A 481 -17.88 -17.39 32.35
C ASN A 481 -17.84 -16.32 31.28
N PHE A 482 -16.66 -15.78 30.99
CA PHE A 482 -16.55 -14.79 29.93
C PHE A 482 -16.90 -15.39 28.58
N ALA A 483 -16.46 -16.63 28.32
CA ALA A 483 -16.76 -17.27 27.05
C ALA A 483 -18.27 -17.46 26.87
N ARG A 484 -18.96 -17.90 27.92
CA ARG A 484 -20.40 -18.14 27.84
C ARG A 484 -21.17 -16.84 27.68
N THR A 485 -20.88 -15.85 28.53
CA THR A 485 -21.75 -14.69 28.69
C THR A 485 -21.10 -13.36 28.37
N GLY A 486 -19.79 -13.31 28.11
CA GLY A 486 -19.11 -12.05 27.97
C GLY A 486 -18.86 -11.32 29.27
N ASP A 487 -19.13 -11.96 30.40
CA ASP A 487 -18.92 -11.40 31.73
C ASP A 487 -18.25 -12.47 32.59
N PRO A 488 -17.05 -12.22 33.11
CA PRO A 488 -16.38 -13.23 33.93
C PRO A 488 -16.95 -13.38 35.32
N ASN A 489 -17.82 -12.47 35.76
CA ASN A 489 -18.41 -12.56 37.09
C ASN A 489 -19.43 -13.70 37.15
N GLU A 490 -19.42 -14.43 38.24
CA GLU A 490 -20.32 -15.57 38.39
C GLU A 490 -21.75 -15.07 38.61
N PRO A 491 -22.73 -15.57 37.85
CA PRO A 491 -24.13 -15.12 37.87
C PRO A 491 -24.82 -15.40 39.20
N ALA A 496 -18.55 -12.93 46.92
CA ALA A 496 -17.82 -12.84 45.66
C ALA A 496 -17.67 -11.37 45.23
N PRO A 497 -16.44 -10.85 45.32
CA PRO A 497 -16.21 -9.47 44.87
C PRO A 497 -16.30 -9.38 43.35
N GLN A 498 -17.01 -8.36 42.88
CA GLN A 498 -17.31 -8.24 41.45
C GLN A 498 -16.13 -7.65 40.69
N TRP A 499 -16.02 -8.05 39.42
CA TRP A 499 -14.96 -7.61 38.53
C TRP A 499 -15.52 -6.50 37.64
N PRO A 500 -15.13 -5.25 37.83
CA PRO A 500 -15.75 -4.16 37.07
C PRO A 500 -15.19 -4.08 35.66
N PRO A 501 -15.99 -3.59 34.71
CA PRO A 501 -15.48 -3.35 33.36
C PRO A 501 -14.37 -2.31 33.34
N TYR A 502 -13.37 -2.54 32.50
CA TYR A 502 -12.34 -1.54 32.26
C TYR A 502 -12.89 -0.42 31.38
N THR A 503 -12.65 0.82 31.78
CA THR A 503 -13.05 2.00 31.03
C THR A 503 -11.85 2.94 30.88
N ALA A 504 -11.89 3.77 29.84
CA ALA A 504 -10.78 4.67 29.58
C ALA A 504 -10.60 5.67 30.71
N GLY A 505 -11.68 6.07 31.38
CA GLY A 505 -11.60 6.99 32.49
C GLY A 505 -11.19 6.34 33.80
N ALA A 506 -12.04 5.46 34.35
CA ALA A 506 -11.75 4.83 35.63
C ALA A 506 -10.54 3.89 35.53
N GLN A 507 -10.38 3.20 34.40
CA GLN A 507 -9.21 2.35 34.14
C GLN A 507 -9.09 1.22 35.16
N GLN A 508 -10.23 0.66 35.56
CA GLN A 508 -10.24 -0.35 36.62
C GLN A 508 -9.86 -1.72 36.09
N TYR A 509 -9.05 -2.44 36.87
CA TYR A 509 -8.70 -3.82 36.60
C TYR A 509 -8.67 -4.57 37.92
N VAL A 510 -8.55 -5.89 37.86
CA VAL A 510 -8.49 -6.70 39.07
C VAL A 510 -7.17 -7.46 39.08
N SER A 511 -6.72 -7.76 40.30
CA SER A 511 -5.52 -8.56 40.49
C SER A 511 -5.91 -10.02 40.70
N LEU A 512 -5.16 -10.92 40.06
CA LEU A 512 -5.42 -12.35 40.15
C LEU A 512 -4.26 -13.00 40.89
N ASP A 513 -4.53 -13.46 42.11
CA ASP A 513 -3.58 -14.26 42.87
C ASP A 513 -4.38 -15.08 43.87
N LEU A 514 -3.69 -15.60 44.91
CA LEU A 514 -4.36 -16.46 45.87
C LEU A 514 -5.35 -15.71 46.76
N ARG A 515 -5.20 -14.40 46.89
CA ARG A 515 -6.15 -13.58 47.64
C ARG A 515 -7.40 -13.34 46.80
N PRO A 516 -8.48 -12.87 47.42
CA PRO A 516 -9.68 -12.49 46.65
C PRO A 516 -9.39 -11.30 45.75
N LEU A 517 -10.32 -11.06 44.82
CA LEU A 517 -10.19 -9.99 43.85
C LEU A 517 -9.93 -8.66 44.54
N GLU A 518 -8.99 -7.89 43.97
CA GLU A 518 -8.72 -6.53 44.41
C GLU A 518 -8.82 -5.63 43.18
N VAL A 519 -9.72 -4.65 43.24
CA VAL A 519 -9.86 -3.69 42.15
C VAL A 519 -8.78 -2.62 42.28
N ARG A 520 -8.14 -2.28 41.16
CA ARG A 520 -7.15 -1.21 41.10
C ARG A 520 -7.45 -0.31 39.92
N ARG A 521 -6.66 0.75 39.78
CA ARG A 521 -6.85 1.75 38.73
C ARG A 521 -5.56 1.94 37.96
N GLY A 522 -5.67 1.99 36.63
CA GLY A 522 -4.55 2.34 35.77
C GLY A 522 -3.57 1.22 35.51
N LEU A 523 -3.40 0.86 34.24
CA LEU A 523 -2.37 -0.10 33.82
C LEU A 523 -1.10 0.68 33.52
N ARG A 524 -0.34 0.96 34.59
CA ARG A 524 0.85 1.81 34.51
C ARG A 524 0.57 3.08 33.70
N ALA A 525 -0.42 3.84 34.20
CA ALA A 525 -0.95 4.96 33.43
C ALA A 525 0.12 6.01 33.17
N GLN A 526 0.96 6.33 34.16
CA GLN A 526 2.01 7.30 33.97
C GLN A 526 3.02 6.81 32.93
N ALA A 527 3.48 5.56 33.06
CA ALA A 527 4.44 5.04 32.09
C ALA A 527 3.87 4.97 30.68
N CYS A 528 2.63 4.49 30.57
CA CYS A 528 2.00 4.25 29.27
C CYS A 528 1.65 5.55 28.58
N ALA A 529 1.38 6.61 29.34
CA ALA A 529 1.18 7.92 28.72
C ALA A 529 2.42 8.35 27.96
N PHE A 530 3.59 8.03 28.50
CA PHE A 530 4.83 8.27 27.76
C PHE A 530 4.88 7.44 26.49
N TRP A 531 4.58 6.13 26.59
CA TRP A 531 4.71 5.25 25.42
C TRP A 531 3.62 5.48 24.38
N ASN A 532 2.38 5.68 24.84
CA ASN A 532 1.23 5.77 23.95
C ASN A 532 0.90 7.18 23.49
N ARG A 533 1.30 8.21 24.23
CA ARG A 533 0.93 9.58 23.89
C ARG A 533 2.10 10.45 23.49
N PHE A 534 3.23 10.36 24.17
CA PHE A 534 4.31 11.30 23.86
C PHE A 534 5.26 10.77 22.78
N LEU A 535 5.86 9.60 23.02
CA LEU A 535 6.91 9.11 22.12
C LEU A 535 6.49 8.99 20.66
N PRO A 536 5.27 8.57 20.32
CA PRO A 536 4.88 8.64 18.90
C PRO A 536 5.11 10.00 18.27
N LYS A 537 4.88 11.09 19.02
CA LYS A 537 5.07 12.42 18.47
C LYS A 537 6.54 12.81 18.43
N LEU A 538 7.36 12.23 19.31
CA LEU A 538 8.79 12.47 19.24
C LEU A 538 9.39 11.79 18.01
N LEU A 539 8.94 10.56 17.71
CA LEU A 539 9.49 9.80 16.59
C LEU A 539 9.16 10.42 15.24
N SER A 540 8.08 11.21 15.15
CA SER A 540 7.75 11.90 13.91
C SER A 540 8.51 13.21 13.74
N ALA A 541 9.20 13.70 14.77
CA ALA A 541 9.96 14.93 14.68
C ALA A 541 11.24 14.84 15.51
N GLU B 3 2.35 -10.79 -50.81
CA GLU B 3 2.09 -9.93 -49.66
C GLU B 3 1.76 -8.50 -50.10
N ASP B 4 1.56 -7.61 -49.12
CA ASP B 4 1.24 -6.21 -49.38
C ASP B 4 2.52 -5.39 -49.22
N ALA B 5 3.05 -4.88 -50.33
CA ALA B 5 4.26 -4.08 -50.30
C ALA B 5 4.06 -2.76 -49.58
N GLU B 6 2.81 -2.27 -49.48
CA GLU B 6 2.56 -1.05 -48.72
C GLU B 6 2.80 -1.24 -47.23
N LEU B 7 2.76 -2.48 -46.75
CA LEU B 7 2.85 -2.77 -45.32
C LEU B 7 4.25 -3.17 -44.89
N LEU B 8 5.23 -3.10 -45.78
CA LEU B 8 6.62 -3.39 -45.44
C LEU B 8 7.44 -2.13 -45.60
N VAL B 9 8.16 -1.75 -44.54
CA VAL B 9 9.02 -0.58 -44.52
C VAL B 9 10.38 -0.99 -43.97
N THR B 10 11.43 -0.42 -44.52
CA THR B 10 12.77 -0.52 -43.95
C THR B 10 13.13 0.80 -43.28
N VAL B 11 13.33 0.76 -41.97
CA VAL B 11 13.88 1.91 -41.24
C VAL B 11 15.36 1.66 -41.03
N ARG B 12 16.05 2.57 -40.33
CA ARG B 12 17.50 2.43 -40.19
C ARG B 12 17.87 1.20 -39.40
N GLY B 13 16.98 0.70 -38.54
CA GLY B 13 17.29 -0.43 -37.71
C GLY B 13 16.99 -1.77 -38.36
N GLY B 14 16.16 -1.77 -39.39
CA GLY B 14 15.81 -3.00 -40.10
C GLY B 14 14.41 -2.90 -40.70
N ARG B 15 13.87 -4.06 -41.06
CA ARG B 15 12.59 -4.13 -41.76
C ARG B 15 11.43 -4.30 -40.80
N LEU B 16 10.28 -3.74 -41.18
CA LEU B 16 9.05 -3.81 -40.39
C LEU B 16 7.91 -4.32 -41.26
N ARG B 17 6.94 -4.96 -40.62
CA ARG B 17 5.70 -5.37 -41.26
C ARG B 17 4.54 -4.76 -40.48
N GLY B 18 3.78 -3.89 -41.14
CA GLY B 18 2.61 -3.29 -40.55
C GLY B 18 1.34 -4.05 -40.87
N ILE B 19 0.21 -3.39 -40.58
CA ILE B 19 -1.12 -3.95 -40.77
C ILE B 19 -1.98 -2.90 -41.45
N ARG B 20 -2.98 -3.36 -42.18
CA ARG B 20 -3.98 -2.49 -42.79
C ARG B 20 -5.20 -2.41 -41.88
N LEU B 21 -5.72 -1.19 -41.72
CA LEU B 21 -6.85 -0.95 -40.82
C LEU B 21 -7.99 -0.26 -41.56
N LYS B 22 -9.21 -0.58 -41.17
CA LYS B 22 -10.40 0.02 -41.73
C LYS B 22 -10.82 1.27 -40.95
N THR B 23 -11.30 2.26 -41.68
CA THR B 23 -12.01 3.41 -41.16
C THR B 23 -13.23 3.62 -42.04
N PRO B 24 -14.26 4.32 -41.54
CA PRO B 24 -15.43 4.58 -42.39
C PRO B 24 -15.11 5.39 -43.64
N GLY B 25 -13.88 5.88 -43.79
CA GLY B 25 -13.52 6.66 -44.95
C GLY B 25 -12.51 5.97 -45.84
N GLY B 26 -12.04 4.80 -45.41
CA GLY B 26 -11.11 4.03 -46.20
C GLY B 26 -9.97 3.46 -45.38
N PRO B 27 -9.13 2.66 -46.03
CA PRO B 27 -8.04 1.98 -45.30
C PRO B 27 -6.97 2.93 -44.83
N VAL B 28 -6.19 2.45 -43.87
CA VAL B 28 -5.07 3.18 -43.30
C VAL B 28 -3.96 2.18 -43.03
N SER B 29 -2.72 2.61 -43.26
CA SER B 29 -1.55 1.79 -42.92
C SER B 29 -1.10 2.12 -41.50
N ALA B 30 -0.92 1.08 -40.68
CA ALA B 30 -0.47 1.25 -39.31
C ALA B 30 0.73 0.37 -39.03
N PHE B 31 1.72 0.96 -38.35
CA PHE B 31 2.91 0.24 -37.91
C PHE B 31 3.01 0.43 -36.40
N LEU B 32 2.59 -0.58 -35.64
CA LEU B 32 2.43 -0.50 -34.20
C LEU B 32 3.50 -1.33 -33.51
N GLY B 33 4.08 -0.78 -32.44
CA GLY B 33 5.08 -1.52 -31.69
C GLY B 33 6.47 -1.47 -32.27
N ILE B 34 6.82 -0.40 -32.95
CA ILE B 34 8.17 -0.22 -33.49
C ILE B 34 9.13 0.09 -32.35
N PRO B 35 10.17 -0.72 -32.12
CA PRO B 35 11.13 -0.38 -31.07
C PRO B 35 12.04 0.77 -31.50
N PHE B 36 12.11 1.80 -30.66
CA PHE B 36 13.03 2.90 -30.90
C PHE B 36 14.12 3.02 -29.85
N ALA B 37 14.14 2.13 -28.86
CA ALA B 37 15.18 2.17 -27.82
C ALA B 37 15.44 0.76 -27.33
N GLU B 38 16.67 0.54 -26.86
CA GLU B 38 16.95 -0.71 -26.16
C GLU B 38 16.11 -0.77 -24.89
N PRO B 39 15.59 -1.94 -24.52
CA PRO B 39 14.71 -2.04 -23.35
C PRO B 39 15.42 -1.57 -22.09
N PRO B 40 14.86 -0.56 -21.40
CA PRO B 40 15.54 0.05 -20.25
C PRO B 40 15.31 -0.76 -18.97
N MET B 41 16.01 -1.89 -18.89
CA MET B 41 15.74 -2.89 -17.87
C MET B 41 17.03 -3.27 -17.16
N GLY B 42 16.88 -3.89 -16.00
CA GLY B 42 18.01 -4.27 -15.18
C GLY B 42 18.89 -3.09 -14.88
N PRO B 43 20.17 -3.19 -15.28
CA PRO B 43 21.10 -2.07 -15.06
C PRO B 43 20.72 -0.81 -15.84
N ARG B 44 19.81 -0.91 -16.81
CA ARG B 44 19.37 0.25 -17.57
C ARG B 44 18.17 0.97 -16.94
N ARG B 45 17.66 0.47 -15.82
CA ARG B 45 16.60 1.19 -15.12
C ARG B 45 17.10 2.53 -14.61
N PHE B 46 16.31 3.58 -14.84
CA PHE B 46 16.58 4.99 -14.51
C PHE B 46 17.61 5.64 -15.43
N LEU B 47 18.22 4.91 -16.36
CA LEU B 47 19.22 5.55 -17.21
C LEU B 47 18.60 6.16 -18.46
N PRO B 48 19.26 7.13 -19.08
CA PRO B 48 18.77 7.66 -20.34
C PRO B 48 18.64 6.57 -21.37
N PRO B 49 17.69 6.69 -22.30
CA PRO B 49 17.48 5.62 -23.28
C PRO B 49 18.65 5.51 -24.24
N GLU B 50 18.98 4.25 -24.61
CA GLU B 50 19.93 3.96 -25.66
C GLU B 50 19.19 3.67 -26.96
N PRO B 51 19.68 4.18 -28.08
CA PRO B 51 19.06 3.87 -29.38
C PRO B 51 18.98 2.36 -29.60
N LYS B 52 17.86 1.92 -30.18
CA LYS B 52 17.69 0.51 -30.52
C LYS B 52 18.76 0.07 -31.51
N GLN B 53 19.43 -1.03 -31.18
CA GLN B 53 20.43 -1.59 -32.08
C GLN B 53 19.75 -2.21 -33.31
N PRO B 54 20.43 -2.22 -34.46
CA PRO B 54 19.83 -2.80 -35.67
C PRO B 54 19.54 -4.29 -35.50
N TRP B 55 18.50 -4.74 -36.18
CA TRP B 55 18.08 -6.14 -36.15
C TRP B 55 18.09 -6.74 -37.55
N SER B 56 18.18 -8.06 -37.60
CA SER B 56 17.92 -8.80 -38.83
C SER B 56 16.48 -9.31 -38.81
N GLY B 57 16.06 -9.86 -39.93
CA GLY B 57 14.69 -10.29 -40.05
C GLY B 57 13.71 -9.12 -40.07
N VAL B 58 12.43 -9.47 -39.96
CA VAL B 58 11.34 -8.51 -40.05
C VAL B 58 10.68 -8.42 -38.68
N VAL B 59 10.65 -7.21 -38.12
CA VAL B 59 9.97 -6.96 -36.87
C VAL B 59 8.46 -6.94 -37.10
N ASP B 60 7.72 -7.63 -36.26
CA ASP B 60 6.26 -7.65 -36.36
C ASP B 60 5.71 -6.34 -35.80
N ALA B 61 5.14 -5.52 -36.67
CA ALA B 61 4.59 -4.23 -36.22
C ALA B 61 3.10 -4.16 -36.49
N THR B 62 2.35 -5.17 -36.05
CA THR B 62 0.93 -5.25 -36.35
C THR B 62 0.05 -5.09 -35.13
N THR B 63 0.64 -4.99 -33.93
CA THR B 63 -0.14 -4.85 -32.71
C THR B 63 0.61 -3.93 -31.75
N PHE B 64 -0.13 -3.39 -30.79
CA PHE B 64 0.48 -2.51 -29.79
C PHE B 64 1.40 -3.31 -28.88
N GLN B 65 2.48 -2.65 -28.44
CA GLN B 65 3.41 -3.25 -27.50
C GLN B 65 2.98 -2.94 -26.07
N SER B 66 3.82 -3.28 -25.10
CA SER B 66 3.45 -3.19 -23.70
C SER B 66 3.37 -1.73 -23.23
N VAL B 67 2.58 -1.52 -22.17
CA VAL B 67 2.46 -0.23 -21.51
C VAL B 67 3.55 -0.15 -20.44
N CYS B 68 4.22 1.00 -20.33
CA CYS B 68 5.25 1.16 -19.31
C CYS B 68 4.61 1.03 -17.93
N TYR B 69 5.35 0.43 -16.99
CA TYR B 69 4.83 0.19 -15.64
C TYR B 69 4.28 1.46 -14.98
N GLN B 70 3.09 1.35 -14.43
CA GLN B 70 2.37 2.53 -13.95
C GLN B 70 1.24 2.11 -13.04
N TYR B 71 0.84 3.04 -12.18
CA TYR B 71 -0.30 2.84 -11.28
C TYR B 71 -1.57 2.60 -12.10
N VAL B 72 -2.46 1.78 -11.57
CA VAL B 72 -3.74 1.50 -12.19
C VAL B 72 -4.84 1.99 -11.26
N ASP B 73 -5.70 2.87 -11.76
CA ASP B 73 -6.74 3.45 -10.93
C ASP B 73 -7.81 2.42 -10.58
N THR B 74 -8.24 2.44 -9.32
CA THR B 74 -9.23 1.49 -8.82
C THR B 74 -10.41 2.17 -8.14
N LEU B 75 -10.60 3.48 -8.36
CA LEU B 75 -11.59 4.21 -7.57
C LEU B 75 -13.01 3.81 -7.95
N TYR B 76 -13.32 3.81 -9.25
CA TYR B 76 -14.62 3.35 -9.76
C TYR B 76 -14.34 2.19 -10.69
N PRO B 77 -14.25 0.96 -10.18
CA PRO B 77 -13.82 -0.16 -11.01
C PRO B 77 -14.89 -0.55 -12.02
N GLY B 78 -14.49 -0.64 -13.29
CA GLY B 78 -15.40 -0.89 -14.38
C GLY B 78 -16.06 0.33 -14.96
N PHE B 79 -15.99 1.47 -14.27
CA PHE B 79 -16.59 2.71 -14.76
C PHE B 79 -15.80 3.21 -15.97
N GLU B 80 -16.51 3.51 -17.07
CA GLU B 80 -15.82 3.84 -18.31
C GLU B 80 -15.00 5.11 -18.17
N GLY B 81 -15.51 6.06 -17.39
CA GLY B 81 -14.82 7.34 -17.21
C GLY B 81 -13.41 7.18 -16.68
N THR B 82 -13.19 6.19 -15.82
CA THR B 82 -11.85 5.92 -15.30
C THR B 82 -11.11 4.85 -16.08
N GLU B 83 -11.81 3.79 -16.52
CA GLU B 83 -11.13 2.69 -17.21
C GLU B 83 -10.52 3.12 -18.54
N MET B 84 -11.10 4.15 -19.17
CA MET B 84 -10.61 4.57 -20.48
C MET B 84 -9.18 5.12 -20.43
N TRP B 85 -8.70 5.49 -19.25
CA TRP B 85 -7.32 5.95 -19.10
C TRP B 85 -6.39 4.86 -18.58
N ASN B 86 -6.93 3.74 -18.11
CA ASN B 86 -6.13 2.67 -17.57
C ASN B 86 -5.40 1.91 -18.68
N PRO B 87 -4.28 1.24 -18.36
CA PRO B 87 -3.57 0.48 -19.38
C PRO B 87 -4.47 -0.58 -20.01
N ASN B 88 -4.33 -0.74 -21.33
CA ASN B 88 -5.09 -1.74 -22.07
C ASN B 88 -4.21 -2.83 -22.68
N ARG B 89 -2.90 -2.78 -22.46
CA ARG B 89 -1.96 -3.87 -22.72
C ARG B 89 -1.28 -4.22 -21.41
N GLU B 90 -0.54 -5.33 -21.41
CA GLU B 90 0.20 -5.71 -20.21
C GLU B 90 1.26 -4.66 -19.88
N LEU B 91 1.68 -4.64 -18.62
CA LEU B 91 2.70 -3.70 -18.15
C LEU B 91 4.08 -4.34 -18.27
N SER B 92 5.05 -3.53 -18.66
CA SER B 92 6.41 -4.01 -18.79
C SER B 92 7.34 -2.81 -18.74
N GLU B 93 8.55 -3.05 -18.23
CA GLU B 93 9.62 -2.06 -18.40
C GLU B 93 10.11 -2.05 -19.84
N ASP B 94 10.02 -3.19 -20.53
CA ASP B 94 10.23 -3.26 -21.96
C ASP B 94 9.06 -2.55 -22.62
N CYS B 95 9.20 -1.28 -22.89
CA CYS B 95 7.97 -0.56 -23.22
C CYS B 95 8.24 0.58 -24.20
N LEU B 96 9.49 0.77 -24.66
CA LEU B 96 9.88 1.93 -25.48
C LEU B 96 9.63 1.62 -26.96
N TYR B 97 8.35 1.75 -27.34
CA TYR B 97 7.90 1.51 -28.70
C TYR B 97 7.02 2.69 -29.13
N LEU B 98 7.13 3.04 -30.40
CA LEU B 98 6.28 4.07 -30.99
C LEU B 98 5.47 3.46 -32.13
N ASN B 99 4.43 4.19 -32.53
CA ASN B 99 3.52 3.76 -33.59
C ASN B 99 3.42 4.82 -34.66
N VAL B 100 3.29 4.38 -35.91
CA VAL B 100 3.14 5.27 -37.05
C VAL B 100 1.86 4.89 -37.78
N TRP B 101 0.97 5.86 -37.96
CA TRP B 101 -0.16 5.71 -38.85
C TRP B 101 0.10 6.50 -40.13
N THR B 102 -0.42 5.99 -41.25
CA THR B 102 -0.07 6.47 -42.56
C THR B 102 -1.26 6.22 -43.49
N PRO B 103 -1.53 7.10 -44.44
CA PRO B 103 -2.58 6.82 -45.42
C PRO B 103 -2.29 5.56 -46.22
N TYR B 104 -3.36 4.94 -46.73
CA TYR B 104 -3.21 3.78 -47.58
C TYR B 104 -3.68 4.12 -48.99
N PRO B 105 -2.85 3.96 -50.02
CA PRO B 105 -1.46 3.51 -49.92
C PRO B 105 -0.55 4.60 -49.35
N ARG B 106 0.64 4.23 -48.86
CA ARG B 106 1.52 5.19 -48.21
C ARG B 106 1.78 6.38 -49.13
N PRO B 107 1.87 7.59 -48.59
CA PRO B 107 1.99 8.78 -49.45
C PRO B 107 3.26 8.74 -50.29
N THR B 108 3.17 9.33 -51.48
CA THR B 108 4.31 9.41 -52.38
C THR B 108 5.06 10.72 -52.24
N SER B 109 4.39 11.76 -51.79
CA SER B 109 4.93 13.07 -51.50
C SER B 109 5.08 13.23 -49.99
N PRO B 110 6.02 14.08 -49.55
CA PRO B 110 6.15 14.34 -48.12
C PRO B 110 4.83 14.79 -47.53
N THR B 111 4.51 14.26 -46.35
CA THR B 111 3.24 14.47 -45.70
C THR B 111 3.47 15.05 -44.31
N PRO B 112 2.74 16.10 -43.91
CA PRO B 112 2.96 16.69 -42.58
C PRO B 112 2.78 15.67 -41.47
N VAL B 113 3.58 15.81 -40.43
CA VAL B 113 3.67 14.82 -39.36
C VAL B 113 3.12 15.41 -38.07
N LEU B 114 2.25 14.67 -37.40
CA LEU B 114 1.77 14.98 -36.06
C LEU B 114 2.35 13.96 -35.11
N VAL B 115 2.95 14.43 -34.02
CA VAL B 115 3.53 13.55 -33.00
C VAL B 115 2.77 13.78 -31.71
N TRP B 116 2.18 12.72 -31.17
CA TRP B 116 1.32 12.80 -30.00
C TRP B 116 2.08 12.31 -28.76
N ILE B 117 2.02 13.12 -27.70
CA ILE B 117 2.57 12.77 -26.39
C ILE B 117 1.41 12.70 -25.42
N TYR B 118 1.14 11.52 -24.88
CA TYR B 118 0.02 11.36 -23.97
C TYR B 118 0.33 12.01 -22.61
N GLY B 119 -0.74 12.29 -21.87
CA GLY B 119 -0.63 12.73 -20.49
C GLY B 119 -0.88 11.60 -19.52
N GLY B 120 -1.13 11.97 -18.27
CA GLY B 120 -1.27 11.00 -17.20
C GLY B 120 -0.42 11.35 -16.00
N GLY B 121 -0.26 12.65 -15.75
CA GLY B 121 0.48 13.15 -14.59
C GLY B 121 1.92 12.68 -14.49
N PHE B 122 2.53 12.28 -15.61
CA PHE B 122 3.87 11.70 -15.66
C PHE B 122 3.99 10.40 -14.87
N TYR B 123 2.89 9.89 -14.32
CA TYR B 123 2.89 8.62 -13.61
C TYR B 123 2.11 7.53 -14.33
N SER B 124 1.48 7.84 -15.45
CA SER B 124 0.62 6.89 -16.15
C SER B 124 0.48 7.33 -17.59
N GLY B 125 -0.30 6.57 -18.36
CA GLY B 125 -0.49 6.87 -19.76
C GLY B 125 0.04 5.80 -20.70
N ALA B 126 -0.46 5.79 -21.93
CA ALA B 126 -0.05 4.80 -22.93
C ALA B 126 -0.49 5.28 -24.30
N SER B 127 0.39 5.11 -25.30
CA SER B 127 0.03 5.48 -26.66
C SER B 127 -0.94 4.51 -27.30
N SER B 128 -1.33 3.44 -26.61
CA SER B 128 -2.19 2.40 -27.12
C SER B 128 -3.64 2.52 -26.67
N LEU B 129 -3.99 3.58 -25.94
CA LEU B 129 -5.36 3.75 -25.49
C LEU B 129 -6.28 3.97 -26.68
N ASP B 130 -7.53 3.49 -26.55
CA ASP B 130 -8.52 3.64 -27.63
C ASP B 130 -8.64 5.10 -28.06
N VAL B 131 -8.52 6.02 -27.10
CA VAL B 131 -8.81 7.43 -27.38
C VAL B 131 -7.68 8.13 -28.12
N TYR B 132 -6.50 7.53 -28.19
CA TYR B 132 -5.39 8.09 -28.98
C TYR B 132 -5.24 7.40 -30.34
N ASP B 133 -6.25 6.66 -30.78
CA ASP B 133 -6.23 5.99 -32.08
C ASP B 133 -6.08 6.99 -33.22
N GLY B 134 -4.97 6.89 -33.95
CA GLY B 134 -4.67 7.82 -35.02
C GLY B 134 -5.27 7.50 -36.37
N ARG B 135 -6.05 6.43 -36.49
CA ARG B 135 -6.53 6.02 -37.81
C ARG B 135 -7.45 7.06 -38.44
N PHE B 136 -8.25 7.77 -37.64
CA PHE B 136 -9.23 8.68 -38.22
C PHE B 136 -8.58 9.97 -38.69
N LEU B 137 -7.58 10.47 -37.96
CA LEU B 137 -6.92 11.71 -38.34
C LEU B 137 -6.15 11.55 -39.64
N VAL B 138 -5.40 10.44 -39.80
CA VAL B 138 -4.57 10.30 -40.98
C VAL B 138 -5.42 10.01 -42.21
N GLN B 139 -6.60 9.39 -42.03
CA GLN B 139 -7.48 9.18 -43.17
C GLN B 139 -8.21 10.46 -43.53
N ALA B 140 -8.73 11.17 -42.53
CA ALA B 140 -9.55 12.34 -42.82
C ALA B 140 -8.71 13.52 -43.27
N GLU B 141 -7.48 13.63 -42.77
CA GLU B 141 -6.69 14.83 -42.98
C GLU B 141 -5.36 14.58 -43.68
N ARG B 142 -5.11 13.34 -44.12
CA ARG B 142 -3.93 12.99 -44.90
C ARG B 142 -2.65 13.46 -44.21
N THR B 143 -2.47 13.01 -42.98
CA THR B 143 -1.27 13.28 -42.21
C THR B 143 -0.59 11.96 -41.89
N VAL B 144 0.64 12.04 -41.42
CA VAL B 144 1.30 10.93 -40.75
C VAL B 144 1.25 11.22 -39.26
N LEU B 145 0.72 10.27 -38.49
CA LEU B 145 0.62 10.42 -37.04
C LEU B 145 1.58 9.46 -36.37
N VAL B 146 2.38 9.98 -35.45
CA VAL B 146 3.31 9.18 -34.65
C VAL B 146 2.96 9.39 -33.19
N SER B 147 2.95 8.30 -32.43
CA SER B 147 2.84 8.38 -30.99
C SER B 147 3.82 7.39 -30.37
N MET B 148 4.42 7.76 -29.24
CA MET B 148 5.42 6.94 -28.59
C MET B 148 5.05 6.71 -27.13
N ASN B 149 5.56 5.62 -26.58
CA ASN B 149 5.52 5.38 -25.15
C ASN B 149 6.78 5.93 -24.51
N TYR B 150 6.63 6.58 -23.37
CA TYR B 150 7.76 7.04 -22.58
C TYR B 150 7.56 6.60 -21.14
N ARG B 151 8.67 6.42 -20.43
CA ARG B 151 8.62 5.94 -19.07
C ARG B 151 7.96 6.96 -18.14
N VAL B 152 7.09 6.48 -17.25
CA VAL B 152 6.34 7.32 -16.32
C VAL B 152 6.70 6.90 -14.90
N GLY B 153 6.18 7.69 -13.94
CA GLY B 153 6.45 7.45 -12.53
C GLY B 153 7.94 7.48 -12.25
N ALA B 154 8.36 6.68 -11.26
CA ALA B 154 9.76 6.68 -10.87
C ALA B 154 10.67 6.18 -11.99
N PHE B 155 10.18 5.23 -12.82
CA PHE B 155 10.99 4.72 -13.92
C PHE B 155 11.41 5.79 -14.90
N GLY B 156 10.57 6.81 -15.08
CA GLY B 156 10.89 7.88 -16.02
C GLY B 156 11.43 9.14 -15.38
N PHE B 157 11.15 9.36 -14.08
CA PHE B 157 11.44 10.66 -13.50
C PHE B 157 11.97 10.61 -12.07
N LEU B 158 12.33 9.44 -11.55
CA LEU B 158 13.06 9.42 -10.29
C LEU B 158 14.42 10.08 -10.51
N ALA B 159 14.78 11.00 -9.62
CA ALA B 159 15.98 11.81 -9.78
C ALA B 159 16.80 11.78 -8.50
N LEU B 160 18.08 11.46 -8.64
CA LEU B 160 19.10 11.76 -7.64
C LEU B 160 20.02 12.78 -8.28
N PRO B 161 19.70 14.07 -8.19
CA PRO B 161 20.39 15.08 -9.01
C PRO B 161 21.89 15.12 -8.71
N GLY B 162 22.67 15.09 -9.79
CA GLY B 162 24.11 15.01 -9.72
C GLY B 162 24.65 13.62 -10.00
N SER B 163 23.89 12.59 -9.64
CA SER B 163 24.29 11.23 -9.93
C SER B 163 24.08 10.91 -11.41
N ARG B 164 24.95 10.07 -11.95
CA ARG B 164 24.75 9.56 -13.30
C ARG B 164 23.97 8.25 -13.31
N GLU B 165 23.81 7.60 -12.17
CA GLU B 165 23.02 6.38 -12.11
C GLU B 165 21.52 6.64 -11.95
N ALA B 166 21.12 7.87 -11.64
CA ALA B 166 19.72 8.24 -11.68
C ALA B 166 19.61 9.74 -11.93
N PRO B 167 19.90 10.21 -13.14
CA PRO B 167 20.00 11.66 -13.37
C PRO B 167 18.67 12.37 -13.49
N GLY B 168 17.60 11.67 -13.83
CA GLY B 168 16.30 12.31 -13.95
C GLY B 168 15.97 12.68 -15.39
N ASN B 169 14.68 12.91 -15.61
CA ASN B 169 14.11 13.35 -16.90
C ASN B 169 14.28 12.31 -18.00
N VAL B 170 14.55 11.05 -17.67
CA VAL B 170 14.81 10.08 -18.73
C VAL B 170 13.53 9.80 -19.53
N GLY B 171 12.36 9.92 -18.89
CA GLY B 171 11.13 9.86 -19.66
C GLY B 171 11.04 10.96 -20.70
N LEU B 172 11.48 12.17 -20.34
CA LEU B 172 11.58 13.23 -21.34
C LEU B 172 12.60 12.88 -22.41
N LEU B 173 13.68 12.21 -22.02
CA LEU B 173 14.67 11.79 -22.99
C LEU B 173 14.13 10.67 -23.89
N ASP B 174 13.23 9.83 -23.36
CA ASP B 174 12.54 8.86 -24.21
C ASP B 174 11.79 9.57 -25.33
N GLN B 175 11.04 10.62 -24.98
CA GLN B 175 10.29 11.37 -26.00
C GLN B 175 11.22 11.99 -27.02
N ARG B 176 12.31 12.63 -26.56
CA ARG B 176 13.24 13.26 -27.50
C ARG B 176 13.86 12.23 -28.43
N LEU B 177 14.16 11.03 -27.90
CA LEU B 177 14.71 9.97 -28.74
C LEU B 177 13.71 9.56 -29.82
N ALA B 178 12.43 9.43 -29.45
CA ALA B 178 11.40 9.16 -30.46
C ALA B 178 11.33 10.28 -31.49
N LEU B 179 11.50 11.53 -31.06
CA LEU B 179 11.54 12.66 -31.99
C LEU B 179 12.76 12.59 -32.90
N GLN B 180 13.89 12.11 -32.38
CA GLN B 180 15.04 11.85 -33.23
C GLN B 180 14.79 10.68 -34.16
N TRP B 181 14.00 9.70 -33.71
CA TRP B 181 13.63 8.59 -34.58
C TRP B 181 12.78 9.08 -35.74
N VAL B 182 11.89 10.04 -35.48
CA VAL B 182 11.04 10.57 -36.54
C VAL B 182 11.88 11.30 -37.59
N GLN B 183 12.89 12.05 -37.13
CA GLN B 183 13.72 12.80 -38.07
C GLN B 183 14.48 11.86 -39.00
N GLU B 184 14.93 10.71 -38.49
CA GLU B 184 15.72 9.79 -39.27
C GLU B 184 14.90 8.78 -40.06
N ASN B 185 13.62 8.59 -39.73
CA ASN B 185 12.87 7.46 -40.26
C ASN B 185 11.49 7.78 -40.79
N VAL B 186 10.88 8.91 -40.44
CA VAL B 186 9.51 9.13 -40.87
C VAL B 186 9.41 9.32 -42.39
N ALA B 187 10.50 9.66 -43.07
CA ALA B 187 10.43 9.79 -44.51
C ALA B 187 10.13 8.45 -45.18
N ALA B 188 10.55 7.35 -44.55
CA ALA B 188 10.31 6.03 -45.12
C ALA B 188 8.83 5.66 -45.13
N PHE B 189 8.02 6.33 -44.31
CA PHE B 189 6.57 6.14 -44.28
C PHE B 189 5.82 7.19 -45.08
N GLY B 190 6.54 8.08 -45.78
CA GLY B 190 5.91 9.18 -46.50
C GLY B 190 5.78 10.46 -45.70
N GLY B 191 6.17 10.47 -44.43
CA GLY B 191 6.09 11.68 -43.65
C GLY B 191 7.17 12.68 -44.01
N ASP B 192 6.90 13.95 -43.71
CA ASP B 192 7.84 15.03 -43.95
C ASP B 192 8.55 15.38 -42.65
N PRO B 193 9.85 15.11 -42.51
CA PRO B 193 10.53 15.42 -41.25
C PRO B 193 10.74 16.92 -41.04
N THR B 194 10.57 17.75 -42.06
CA THR B 194 10.71 19.19 -41.93
C THR B 194 9.39 19.88 -41.59
N SER B 195 8.35 19.11 -41.24
CA SER B 195 7.09 19.70 -40.81
C SER B 195 6.49 18.78 -39.75
N VAL B 196 7.18 18.66 -38.62
CA VAL B 196 6.71 17.87 -37.49
C VAL B 196 6.00 18.80 -36.51
N THR B 197 4.77 18.46 -36.16
CA THR B 197 3.97 19.22 -35.20
C THR B 197 3.73 18.37 -33.96
N LEU B 198 4.27 18.82 -32.82
CA LEU B 198 4.03 18.15 -31.55
C LEU B 198 2.66 18.54 -31.01
N PHE B 199 1.94 17.58 -30.47
CA PHE B 199 0.74 17.91 -29.71
C PHE B 199 0.55 16.91 -28.58
N GLY B 200 0.04 17.39 -27.46
CA GLY B 200 -0.12 16.57 -26.27
C GLY B 200 -1.11 17.22 -25.35
N GLU B 201 -1.57 16.44 -24.37
CA GLU B 201 -2.60 16.90 -23.45
C GLU B 201 -2.16 16.65 -22.01
N SER B 202 -2.47 17.60 -21.13
CA SER B 202 -2.16 17.51 -19.70
C SER B 202 -0.65 17.34 -19.56
N ALA B 203 -0.15 16.35 -18.82
CA ALA B 203 1.29 16.12 -18.75
C ALA B 203 1.91 15.99 -20.13
N GLY B 204 1.14 15.55 -21.13
CA GLY B 204 1.63 15.57 -22.50
C GLY B 204 1.83 16.98 -23.02
N ALA B 205 0.86 17.86 -22.76
CA ALA B 205 1.04 19.27 -23.11
C ALA B 205 2.19 19.90 -22.35
N ALA B 206 2.43 19.48 -21.11
CA ALA B 206 3.57 20.00 -20.36
C ALA B 206 4.88 19.57 -21.01
N SER B 207 4.96 18.31 -21.45
CA SER B 207 6.19 17.82 -22.08
C SER B 207 6.45 18.53 -23.40
N VAL B 208 5.40 18.81 -24.17
CA VAL B 208 5.55 19.60 -25.38
C VAL B 208 6.23 20.91 -25.06
N GLY B 209 5.72 21.62 -24.05
CA GLY B 209 6.31 22.89 -23.66
C GLY B 209 7.76 22.75 -23.23
N MET B 210 8.09 21.68 -22.52
CA MET B 210 9.47 21.51 -22.08
C MET B 210 10.40 21.22 -23.26
N HIS B 211 9.89 20.58 -24.33
CA HIS B 211 10.69 20.46 -25.54
C HIS B 211 10.87 21.82 -26.22
N LEU B 212 9.86 22.69 -26.14
CA LEU B 212 10.00 24.07 -26.62
C LEU B 212 11.11 24.81 -25.90
N LEU B 213 11.34 24.48 -24.63
CA LEU B 213 12.28 25.23 -23.81
C LEU B 213 13.61 24.51 -23.61
N SER B 214 13.80 23.36 -24.27
CA SER B 214 15.07 22.64 -24.25
C SER B 214 15.68 22.70 -25.64
N PRO B 215 16.79 23.41 -25.83
CA PRO B 215 17.34 23.60 -27.18
C PRO B 215 17.62 22.29 -27.91
N PRO B 216 18.15 21.25 -27.25
CA PRO B 216 18.37 19.98 -27.98
C PRO B 216 17.11 19.41 -28.63
N SER B 217 15.94 19.60 -28.02
CA SER B 217 14.69 19.13 -28.63
C SER B 217 14.13 20.10 -29.66
N ARG B 218 14.48 21.38 -29.57
CA ARG B 218 13.81 22.39 -30.37
C ARG B 218 14.05 22.18 -31.86
N GLY B 219 15.19 21.59 -32.23
CA GLY B 219 15.45 21.33 -33.62
C GLY B 219 14.80 20.09 -34.19
N LEU B 220 13.87 19.48 -33.46
CA LEU B 220 13.25 18.23 -33.86
C LEU B 220 11.79 18.37 -34.24
N PHE B 221 11.22 19.57 -34.13
CA PHE B 221 9.84 19.80 -34.51
C PHE B 221 9.70 21.26 -34.90
N HIS B 222 8.49 21.65 -35.30
CA HIS B 222 8.31 22.96 -35.90
C HIS B 222 7.12 23.70 -35.33
N ARG B 223 6.10 22.99 -34.86
CA ARG B 223 4.96 23.61 -34.23
C ARG B 223 4.55 22.78 -33.03
N ALA B 224 3.74 23.38 -32.16
CA ALA B 224 3.36 22.76 -30.91
C ALA B 224 1.89 23.01 -30.62
N VAL B 225 1.21 21.98 -30.12
CA VAL B 225 -0.15 22.11 -29.62
C VAL B 225 -0.13 21.64 -28.16
N LEU B 226 -0.62 22.50 -27.28
CA LEU B 226 -0.65 22.21 -25.85
C LEU B 226 -2.10 22.27 -25.40
N GLN B 227 -2.67 21.12 -25.08
CA GLN B 227 -4.07 21.00 -24.68
C GLN B 227 -4.13 20.74 -23.18
N SER B 228 -4.70 21.69 -22.43
CA SER B 228 -5.00 21.51 -21.01
C SER B 228 -3.75 21.19 -20.19
N GLY B 229 -2.64 21.80 -20.55
CA GLY B 229 -1.38 21.58 -19.86
C GLY B 229 -0.34 22.56 -20.32
N ALA B 230 0.69 22.73 -19.50
CA ALA B 230 1.73 23.72 -19.74
C ALA B 230 2.94 23.37 -18.91
N PRO B 231 4.16 23.67 -19.37
CA PRO B 231 5.35 23.34 -18.58
C PRO B 231 5.49 24.19 -17.32
N ASN B 232 4.78 25.32 -17.23
CA ASN B 232 4.92 26.25 -16.11
C ASN B 232 3.87 26.03 -15.03
N GLY B 233 3.26 24.85 -14.96
CA GLY B 233 2.31 24.59 -13.90
C GLY B 233 2.96 24.50 -12.53
N PRO B 234 2.15 24.43 -11.48
CA PRO B 234 2.68 24.03 -10.17
C PRO B 234 2.93 22.53 -10.04
N TRP B 235 2.49 21.72 -11.00
CA TRP B 235 2.57 20.27 -10.89
C TRP B 235 3.57 19.63 -11.84
N ALA B 236 4.04 20.35 -12.87
CA ALA B 236 4.78 19.72 -13.95
C ALA B 236 6.27 19.59 -13.69
N THR B 237 6.84 20.37 -12.77
CA THR B 237 8.25 20.30 -12.47
C THR B 237 8.46 20.27 -10.97
N VAL B 238 9.67 19.87 -10.58
CA VAL B 238 10.05 19.79 -9.18
C VAL B 238 11.52 20.19 -9.05
N GLY B 239 11.85 20.84 -7.92
CA GLY B 239 13.22 21.25 -7.68
C GLY B 239 14.12 20.09 -7.30
N MET B 240 15.43 20.34 -7.40
CA MET B 240 16.42 19.28 -7.17
C MET B 240 16.30 18.72 -5.76
N GLY B 241 16.23 19.60 -4.75
CA GLY B 241 16.21 19.14 -3.37
C GLY B 241 14.98 18.31 -3.05
N GLU B 242 13.82 18.69 -3.58
CA GLU B 242 12.62 17.90 -3.37
C GLU B 242 12.67 16.60 -4.17
N ALA B 243 13.23 16.65 -5.38
CA ALA B 243 13.42 15.42 -6.14
C ALA B 243 14.32 14.45 -5.37
N ARG B 244 15.38 14.97 -4.75
CA ARG B 244 16.27 14.09 -4.01
C ARG B 244 15.58 13.52 -2.77
N ARG B 245 14.71 14.30 -2.13
CA ARG B 245 14.02 13.81 -0.96
C ARG B 245 13.03 12.70 -1.32
N ARG B 246 12.29 12.89 -2.42
CA ARG B 246 11.30 11.90 -2.81
C ARG B 246 11.96 10.59 -3.21
N ALA B 247 13.05 10.67 -4.00
CA ALA B 247 13.78 9.46 -4.38
C ALA B 247 14.34 8.75 -3.17
N THR B 248 14.81 9.51 -2.18
CA THR B 248 15.35 8.90 -0.97
C THR B 248 14.25 8.24 -0.14
N GLN B 249 13.08 8.87 -0.05
CA GLN B 249 11.99 8.28 0.72
C GLN B 249 11.42 7.05 0.01
N LEU B 250 11.44 7.04 -1.32
CA LEU B 250 11.04 5.83 -2.04
C LEU B 250 11.95 4.66 -1.68
N ALA B 251 13.27 4.89 -1.67
CA ALA B 251 14.19 3.82 -1.29
C ALA B 251 13.89 3.31 0.12
N HIS B 252 13.62 4.22 1.06
CA HIS B 252 13.32 3.79 2.42
C HIS B 252 12.01 3.01 2.50
N LEU B 253 11.02 3.40 1.67
CA LEU B 253 9.72 2.76 1.71
C LEU B 253 9.78 1.33 1.17
N VAL B 254 10.66 1.07 0.20
CA VAL B 254 10.78 -0.25 -0.40
C VAL B 254 11.95 -1.05 0.21
N GLY B 255 12.51 -0.58 1.32
CA GLY B 255 13.49 -1.36 2.05
C GLY B 255 14.93 -1.19 1.63
N CYS B 256 15.30 -0.03 1.09
CA CYS B 256 16.67 0.21 0.63
C CYS B 256 17.21 1.47 1.28
N PRO B 257 18.52 1.53 1.57
CA PRO B 257 19.56 0.56 1.23
C PRO B 257 19.77 -0.52 2.28
N ASN B 264 25.35 7.16 -0.16
CA ASN B 264 25.90 6.89 -1.48
C ASN B 264 24.80 6.66 -2.51
N ASP B 265 24.72 7.55 -3.51
CA ASP B 265 23.69 7.42 -4.53
C ASP B 265 23.85 6.13 -5.32
N THR B 266 25.09 5.69 -5.53
CA THR B 266 25.33 4.45 -6.27
C THR B 266 24.69 3.27 -5.55
N GLU B 267 24.94 3.14 -4.24
CA GLU B 267 24.36 2.03 -3.50
C GLU B 267 22.85 2.16 -3.35
N LEU B 268 22.31 3.38 -3.44
CA LEU B 268 20.87 3.56 -3.32
C LEU B 268 20.14 3.11 -4.57
N VAL B 269 20.64 3.50 -5.76
CA VAL B 269 19.97 3.12 -7.00
C VAL B 269 20.19 1.65 -7.30
N ALA B 270 21.39 1.14 -7.00
CA ALA B 270 21.65 -0.29 -7.17
C ALA B 270 20.65 -1.13 -6.41
N CYS B 271 20.29 -0.70 -5.20
CA CYS B 271 19.29 -1.40 -4.40
C CYS B 271 17.91 -1.27 -5.02
N LEU B 272 17.55 -0.08 -5.51
CA LEU B 272 16.26 0.11 -6.16
C LEU B 272 16.14 -0.74 -7.42
N ARG B 273 17.26 -1.03 -8.08
CA ARG B 273 17.20 -1.82 -9.30
C ARG B 273 16.96 -3.30 -9.03
N THR B 274 17.19 -3.76 -7.80
CA THR B 274 16.85 -5.12 -7.40
C THR B 274 15.37 -5.29 -7.13
N ARG B 275 14.58 -4.23 -7.20
CA ARG B 275 13.21 -4.40 -6.76
C ARG B 275 12.28 -4.60 -7.96
N PRO B 276 11.32 -5.51 -7.84
CA PRO B 276 10.29 -5.65 -8.88
C PRO B 276 9.62 -4.32 -9.17
N ALA B 277 9.30 -4.09 -10.44
CA ALA B 277 8.74 -2.80 -10.85
C ALA B 277 7.45 -2.49 -10.08
N GLN B 278 6.59 -3.49 -9.88
CA GLN B 278 5.35 -3.27 -9.16
C GLN B 278 5.60 -2.73 -7.75
N VAL B 279 6.74 -3.06 -7.16
CA VAL B 279 7.01 -2.61 -5.79
C VAL B 279 7.16 -1.10 -5.75
N LEU B 280 7.95 -0.53 -6.66
CA LEU B 280 8.11 0.92 -6.69
C LEU B 280 6.80 1.62 -7.00
N VAL B 281 6.03 1.09 -7.96
CA VAL B 281 4.75 1.69 -8.29
C VAL B 281 3.83 1.71 -7.08
N ASN B 282 3.83 0.65 -6.29
CA ASN B 282 2.94 0.55 -5.14
C ASN B 282 3.26 1.57 -4.06
N HIS B 283 4.44 2.17 -4.10
CA HIS B 283 4.86 3.13 -3.08
C HIS B 283 5.04 4.55 -3.60
N GLU B 284 5.00 4.78 -4.92
CA GLU B 284 5.38 6.08 -5.46
C GLU B 284 4.47 7.20 -4.97
N TRP B 285 3.19 6.90 -4.74
CA TRP B 285 2.25 7.94 -4.36
C TRP B 285 2.42 8.38 -2.90
N HIS B 286 3.13 7.61 -2.09
CA HIS B 286 3.22 7.89 -0.66
C HIS B 286 4.47 8.70 -0.29
N VAL B 287 5.20 9.22 -1.28
CA VAL B 287 6.30 10.13 -0.99
C VAL B 287 5.88 11.59 -1.12
N LEU B 288 4.65 11.87 -1.57
CA LEU B 288 4.18 13.24 -1.61
C LEU B 288 4.15 13.80 -0.18
N PRO B 289 4.47 15.08 -0.01
CA PRO B 289 4.51 15.61 1.36
C PRO B 289 3.14 15.78 1.97
N GLN B 290 2.14 16.21 1.19
CA GLN B 290 0.85 16.57 1.73
C GLN B 290 -0.25 15.80 1.00
N GLU B 291 -1.37 15.64 1.69
CA GLU B 291 -2.57 15.15 1.02
C GLU B 291 -3.07 16.20 0.04
N SER B 292 -3.25 15.81 -1.21
CA SER B 292 -3.46 16.81 -2.25
C SER B 292 -4.14 16.18 -3.45
N VAL B 293 -4.60 17.04 -4.35
CA VAL B 293 -5.02 16.66 -5.69
C VAL B 293 -4.13 17.39 -6.68
N PHE B 294 -4.01 16.83 -7.88
CA PHE B 294 -3.25 17.41 -8.97
C PHE B 294 -1.76 17.58 -8.61
N ARG B 295 -1.23 16.66 -7.82
CA ARG B 295 0.18 16.63 -7.48
C ARG B 295 0.72 15.23 -7.68
N PHE B 296 1.86 15.12 -8.36
CA PHE B 296 2.44 13.84 -8.74
C PHE B 296 3.90 13.79 -8.29
N SER B 297 4.32 12.60 -7.86
CA SER B 297 5.57 12.45 -7.10
C SER B 297 6.80 12.56 -7.99
N PHE B 298 6.80 11.90 -9.12
CA PHE B 298 7.97 11.83 -9.99
C PHE B 298 7.64 12.53 -11.31
N VAL B 299 8.07 13.78 -11.41
CA VAL B 299 7.81 14.65 -12.56
C VAL B 299 9.17 15.15 -13.06
N PRO B 300 9.23 15.91 -14.16
CA PRO B 300 10.51 16.50 -14.57
C PRO B 300 11.14 17.35 -13.48
N VAL B 301 12.47 17.34 -13.44
CA VAL B 301 13.24 18.07 -12.44
C VAL B 301 14.04 19.16 -13.13
N VAL B 302 14.13 20.32 -12.48
CA VAL B 302 14.89 21.46 -13.01
C VAL B 302 16.29 21.39 -12.41
N ASP B 303 17.22 20.79 -13.15
CA ASP B 303 18.59 20.63 -12.67
C ASP B 303 19.61 21.36 -13.55
N GLY B 304 19.16 22.24 -14.44
CA GLY B 304 20.07 22.97 -15.29
C GLY B 304 20.49 22.24 -16.55
N ASP B 305 20.03 21.02 -16.77
CA ASP B 305 20.41 20.26 -17.95
C ASP B 305 19.35 20.25 -19.01
N PHE B 306 18.38 19.38 -18.89
CA PHE B 306 17.27 19.41 -19.83
C PHE B 306 16.61 20.78 -19.84
N LEU B 307 16.30 21.32 -18.68
CA LEU B 307 15.81 22.68 -18.54
C LEU B 307 16.85 23.47 -17.75
N SER B 308 17.49 24.43 -18.40
CA SER B 308 18.55 25.20 -17.77
C SER B 308 18.02 26.09 -16.66
N ASP B 309 16.73 26.40 -16.66
CA ASP B 309 16.09 27.17 -15.61
C ASP B 309 14.64 26.67 -15.49
N THR B 310 13.88 27.28 -14.58
CA THR B 310 12.48 26.92 -14.46
C THR B 310 11.74 27.29 -15.75
N PRO B 311 10.66 26.58 -16.07
CA PRO B 311 9.89 26.92 -17.29
C PRO B 311 9.45 28.37 -17.35
N GLU B 312 9.00 28.95 -16.24
CA GLU B 312 8.59 30.35 -16.24
C GLU B 312 9.78 31.27 -16.50
N ALA B 313 10.93 30.96 -15.90
CA ALA B 313 12.13 31.72 -16.17
C ALA B 313 12.49 31.67 -17.65
N LEU B 314 12.44 30.47 -18.25
CA LEU B 314 12.76 30.36 -19.67
C LEU B 314 11.69 31.00 -20.54
N ILE B 315 10.43 30.94 -20.10
CA ILE B 315 9.34 31.54 -20.88
C ILE B 315 9.51 33.05 -20.93
N ASN B 316 9.86 33.68 -19.80
CA ASN B 316 9.98 35.14 -19.78
C ASN B 316 11.24 35.61 -20.51
N ALA B 317 12.28 34.80 -20.55
CA ALA B 317 13.55 35.18 -21.16
C ALA B 317 13.65 34.80 -22.64
N GLY B 318 12.59 34.26 -23.23
CA GLY B 318 12.68 33.64 -24.54
C GLY B 318 12.26 34.56 -25.68
N ASP B 319 13.02 34.50 -26.76
CA ASP B 319 12.59 34.99 -28.06
C ASP B 319 11.82 33.86 -28.73
N PHE B 320 10.59 34.15 -29.16
CA PHE B 320 9.71 33.12 -29.69
C PHE B 320 9.17 33.47 -31.07
N HIS B 321 9.79 34.44 -31.75
CA HIS B 321 9.46 34.68 -33.15
C HIS B 321 9.72 33.42 -33.96
N GLY B 322 8.88 33.19 -34.96
CA GLY B 322 8.98 32.00 -35.77
C GLY B 322 8.28 30.79 -35.20
N LEU B 323 7.70 30.90 -34.01
CA LEU B 323 6.96 29.81 -33.40
C LEU B 323 5.47 30.05 -33.52
N GLN B 324 4.73 29.01 -33.87
CA GLN B 324 3.28 29.00 -33.83
C GLN B 324 2.83 27.92 -32.86
N VAL B 325 1.97 28.27 -31.91
CA VAL B 325 1.43 27.29 -30.98
C VAL B 325 -0.08 27.40 -30.95
N LEU B 326 -0.72 26.26 -30.73
CA LEU B 326 -2.15 26.17 -30.47
C LEU B 326 -2.33 25.69 -29.03
N VAL B 327 -3.05 26.48 -28.22
CA VAL B 327 -3.23 26.20 -26.81
C VAL B 327 -4.71 26.26 -26.46
N GLY B 328 -5.10 25.52 -25.43
CA GLY B 328 -6.48 25.60 -25.01
C GLY B 328 -6.78 24.75 -23.79
N VAL B 329 -8.03 24.85 -23.35
CA VAL B 329 -8.51 24.24 -22.12
C VAL B 329 -9.94 23.79 -22.37
N VAL B 330 -10.40 22.86 -21.53
CA VAL B 330 -11.82 22.52 -21.54
C VAL B 330 -12.57 23.47 -20.61
N LYS B 331 -13.89 23.46 -20.68
CA LYS B 331 -14.70 24.43 -19.96
C LYS B 331 -14.56 24.29 -18.45
N ASP B 332 -14.40 23.07 -17.93
CA ASP B 332 -14.38 22.79 -16.49
C ASP B 332 -13.17 21.93 -16.15
N GLU B 333 -11.99 22.56 -16.14
CA GLU B 333 -10.74 21.82 -16.00
C GLU B 333 -10.58 21.15 -14.64
N GLY B 334 -11.28 21.63 -13.60
CA GLY B 334 -11.03 21.14 -12.26
C GLY B 334 -11.94 20.05 -11.73
N SER B 335 -13.18 19.98 -12.23
CA SER B 335 -14.19 19.09 -11.67
C SER B 335 -13.70 17.64 -11.56
N TYR B 336 -13.00 17.15 -12.60
CA TYR B 336 -12.57 15.76 -12.63
C TYR B 336 -11.68 15.41 -11.44
N PHE B 337 -10.80 16.34 -11.04
CA PHE B 337 -9.83 16.05 -10.01
C PHE B 337 -10.41 16.07 -8.61
N LEU B 338 -11.60 16.63 -8.43
CA LEU B 338 -12.17 16.80 -7.11
C LEU B 338 -12.71 15.50 -6.51
N VAL B 339 -12.97 14.48 -7.33
CA VAL B 339 -13.54 13.26 -6.79
C VAL B 339 -12.43 12.30 -6.39
N TYR B 340 -11.20 12.81 -6.28
CA TYR B 340 -10.02 12.02 -5.94
C TYR B 340 -9.30 12.55 -4.71
N GLY B 341 -10.05 13.19 -3.75
CA GLY B 341 -9.43 13.67 -2.52
C GLY B 341 -10.11 14.85 -1.88
N ALA B 342 -10.99 15.52 -2.62
CA ALA B 342 -11.72 16.66 -2.06
C ALA B 342 -12.90 16.16 -1.23
N PRO B 343 -13.00 16.52 0.05
CA PRO B 343 -14.09 15.99 0.89
C PRO B 343 -15.45 16.50 0.42
N GLY B 344 -16.45 15.61 0.53
CA GLY B 344 -17.79 15.90 0.07
C GLY B 344 -18.05 15.64 -1.39
N PHE B 345 -17.06 15.13 -2.13
CA PHE B 345 -17.16 15.00 -3.57
C PHE B 345 -17.28 13.52 -3.98
N SER B 346 -18.16 13.27 -4.93
CA SER B 346 -18.28 11.97 -5.59
C SER B 346 -19.11 12.15 -6.85
N LYS B 347 -18.79 11.34 -7.87
CA LYS B 347 -19.52 11.37 -9.12
C LYS B 347 -20.94 10.83 -8.99
N ASP B 348 -21.28 10.20 -7.86
CA ASP B 348 -22.57 9.55 -7.69
C ASP B 348 -23.56 10.39 -6.89
N ASN B 349 -23.24 11.64 -6.60
CA ASN B 349 -24.23 12.58 -6.10
C ASN B 349 -23.88 13.97 -6.61
N GLU B 350 -24.58 14.98 -6.10
CA GLU B 350 -24.41 16.35 -6.56
C GLU B 350 -23.22 17.05 -5.93
N SER B 351 -22.65 16.47 -4.87
CA SER B 351 -21.43 16.99 -4.25
C SER B 351 -21.61 18.45 -3.83
N LEU B 352 -22.75 18.73 -3.21
CA LEU B 352 -23.06 20.08 -2.74
C LEU B 352 -22.46 20.22 -1.34
N ILE B 353 -21.25 20.77 -1.30
CA ILE B 353 -20.40 20.71 -0.13
C ILE B 353 -20.70 21.87 0.82
N SER B 354 -20.32 21.70 2.07
CA SER B 354 -20.41 22.77 3.04
C SER B 354 -19.20 23.71 2.91
N ARG B 355 -19.28 24.86 3.60
CA ARG B 355 -18.16 25.78 3.58
C ARG B 355 -16.95 25.18 4.28
N ALA B 356 -17.16 24.45 5.37
CA ALA B 356 -16.06 23.74 6.01
C ALA B 356 -15.37 22.81 5.02
N GLU B 357 -16.15 21.99 4.30
CA GLU B 357 -15.57 21.12 3.27
C GLU B 357 -14.90 21.95 2.18
N PHE B 358 -15.47 23.11 1.84
CA PHE B 358 -14.82 23.99 0.87
C PHE B 358 -13.46 24.45 1.39
N LEU B 359 -13.42 24.95 2.62
CA LEU B 359 -12.14 25.37 3.20
C LEU B 359 -11.15 24.22 3.27
N ALA B 360 -11.62 23.04 3.69
CA ALA B 360 -10.73 21.89 3.72
C ALA B 360 -10.21 21.58 2.32
N GLY B 361 -11.08 21.66 1.31
CA GLY B 361 -10.70 21.36 -0.05
C GLY B 361 -9.72 22.34 -0.65
N VAL B 362 -9.70 23.58 -0.14
CA VAL B 362 -8.76 24.57 -0.65
C VAL B 362 -7.34 24.24 -0.20
N ARG B 363 -7.17 23.69 1.00
CA ARG B 363 -5.87 23.21 1.42
C ARG B 363 -5.42 22.03 0.58
N VAL B 364 -6.36 21.14 0.23
CA VAL B 364 -6.03 20.00 -0.61
C VAL B 364 -5.71 20.46 -2.03
N GLY B 365 -6.49 21.41 -2.55
CA GLY B 365 -6.27 21.86 -3.91
C GLY B 365 -5.05 22.74 -4.07
N VAL B 366 -4.68 23.48 -3.03
CA VAL B 366 -3.49 24.33 -3.07
C VAL B 366 -2.54 23.87 -1.97
N PRO B 367 -1.88 22.72 -2.13
CA PRO B 367 -1.06 22.19 -1.05
C PRO B 367 0.28 22.90 -0.92
N GLN B 368 0.81 22.89 0.30
CA GLN B 368 2.15 23.41 0.60
C GLN B 368 2.27 24.89 0.27
N VAL B 369 1.26 25.67 0.65
CA VAL B 369 1.35 27.12 0.66
C VAL B 369 1.06 27.60 2.07
N SER B 370 1.49 28.82 2.37
CA SER B 370 1.31 29.36 3.72
C SER B 370 -0.17 29.59 4.00
N ASP B 371 -0.50 29.67 5.30
CA ASP B 371 -1.88 29.98 5.69
C ASP B 371 -2.34 31.28 5.03
N LEU B 372 -1.45 32.28 4.96
CA LEU B 372 -1.84 33.53 4.32
C LEU B 372 -2.16 33.33 2.86
N ALA B 373 -1.36 32.52 2.16
CA ALA B 373 -1.62 32.28 0.74
C ALA B 373 -2.94 31.54 0.55
N ALA B 374 -3.22 30.56 1.40
CA ALA B 374 -4.50 29.84 1.31
C ALA B 374 -5.67 30.78 1.57
N GLU B 375 -5.51 31.69 2.53
CA GLU B 375 -6.58 32.65 2.82
C GLU B 375 -6.79 33.61 1.67
N ALA B 376 -5.73 33.93 0.92
CA ALA B 376 -5.91 34.76 -0.27
C ALA B 376 -6.74 34.05 -1.32
N VAL B 377 -6.56 32.73 -1.47
CA VAL B 377 -7.38 31.96 -2.40
C VAL B 377 -8.84 32.00 -1.96
N VAL B 378 -9.08 31.78 -0.67
CA VAL B 378 -10.45 31.75 -0.17
C VAL B 378 -11.13 33.08 -0.38
N LEU B 379 -10.39 34.18 -0.24
CA LEU B 379 -10.96 35.50 -0.47
C LEU B 379 -11.44 35.67 -1.91
N HIS B 380 -10.64 35.21 -2.88
CA HIS B 380 -10.98 35.44 -4.27
C HIS B 380 -12.12 34.56 -4.74
N TYR B 381 -12.21 33.34 -4.22
CA TYR B 381 -13.18 32.37 -4.70
C TYR B 381 -14.42 32.29 -3.80
N THR B 382 -14.55 33.19 -2.83
CA THR B 382 -15.78 33.30 -2.05
C THR B 382 -16.64 34.42 -2.62
N ASP B 383 -17.92 34.13 -2.84
CA ASP B 383 -18.92 35.15 -3.10
C ASP B 383 -19.45 35.60 -1.75
N TRP B 384 -19.09 36.81 -1.34
CA TRP B 384 -19.38 37.23 0.02
C TRP B 384 -20.82 37.68 0.22
N LEU B 385 -21.66 37.55 -0.81
CA LEU B 385 -23.11 37.64 -0.62
C LEU B 385 -23.76 36.28 -0.52
N HIS B 386 -23.04 35.21 -0.89
CA HIS B 386 -23.52 33.83 -0.74
C HIS B 386 -22.35 32.96 -0.30
N PRO B 387 -21.80 33.22 0.88
CA PRO B 387 -20.54 32.55 1.28
C PRO B 387 -20.70 31.06 1.55
N GLU B 388 -21.92 30.57 1.76
CA GLU B 388 -22.13 29.20 2.20
C GLU B 388 -23.00 28.38 1.25
N ASP B 389 -23.27 28.88 0.05
CA ASP B 389 -24.15 28.18 -0.88
C ASP B 389 -23.46 26.92 -1.42
N PRO B 390 -23.99 25.72 -1.13
CA PRO B 390 -23.30 24.50 -1.57
C PRO B 390 -23.00 24.45 -3.06
N ALA B 391 -23.95 24.84 -3.92
CA ALA B 391 -23.72 24.76 -5.36
C ALA B 391 -22.61 25.71 -5.79
N ARG B 392 -22.59 26.93 -5.26
CA ARG B 392 -21.53 27.88 -5.60
C ARG B 392 -20.19 27.42 -5.04
N LEU B 393 -20.21 26.80 -3.87
CA LEU B 393 -18.96 26.28 -3.29
C LEU B 393 -18.39 25.17 -4.16
N ARG B 394 -19.22 24.22 -4.57
CA ARG B 394 -18.79 23.17 -5.48
C ARG B 394 -18.14 23.77 -6.72
N GLU B 395 -18.83 24.70 -7.38
CA GLU B 395 -18.27 25.26 -8.60
C GLU B 395 -17.05 26.14 -8.32
N ALA B 396 -16.93 26.71 -7.12
CA ALA B 396 -15.77 27.55 -6.84
C ALA B 396 -14.53 26.72 -6.58
N LEU B 397 -14.65 25.62 -5.83
CA LEU B 397 -13.48 24.77 -5.60
C LEU B 397 -12.99 24.15 -6.90
N SER B 398 -13.91 23.77 -7.79
CA SER B 398 -13.50 23.29 -9.09
C SER B 398 -12.78 24.40 -9.87
N ASP B 399 -13.26 25.64 -9.73
CA ASP B 399 -12.54 26.77 -10.32
C ASP B 399 -11.15 26.92 -9.73
N VAL B 400 -11.01 26.69 -8.42
CA VAL B 400 -9.70 26.79 -7.78
C VAL B 400 -8.72 25.81 -8.42
N VAL B 401 -9.07 24.53 -8.40
CA VAL B 401 -8.17 23.49 -8.88
C VAL B 401 -7.90 23.67 -10.37
N GLY B 402 -8.94 24.03 -11.13
CA GLY B 402 -8.77 24.18 -12.56
C GLY B 402 -7.94 25.40 -12.94
N ASP B 403 -8.25 26.55 -12.33
CA ASP B 403 -7.51 27.77 -12.65
C ASP B 403 -6.06 27.67 -12.20
N HIS B 404 -5.83 27.15 -11.01
CA HIS B 404 -4.48 27.09 -10.45
C HIS B 404 -3.59 26.12 -11.23
N ASN B 405 -4.16 25.04 -11.75
CA ASN B 405 -3.37 23.97 -12.33
C ASN B 405 -3.33 23.96 -13.84
N VAL B 406 -4.31 24.57 -14.52
CA VAL B 406 -4.39 24.44 -15.97
C VAL B 406 -4.65 25.79 -16.63
N VAL B 407 -5.80 26.41 -16.34
CA VAL B 407 -6.21 27.59 -17.09
C VAL B 407 -5.17 28.70 -16.99
N CYS B 408 -4.73 29.01 -15.78
CA CYS B 408 -3.85 30.17 -15.60
C CYS B 408 -2.44 29.88 -16.08
N PRO B 409 -1.88 28.69 -15.81
CA PRO B 409 -0.61 28.34 -16.49
C PRO B 409 -0.72 28.42 -18.01
N VAL B 410 -1.81 27.89 -18.60
CA VAL B 410 -1.99 28.00 -20.04
C VAL B 410 -2.05 29.48 -20.44
N ALA B 411 -2.78 30.28 -19.66
CA ALA B 411 -2.93 31.69 -20.01
C ALA B 411 -1.60 32.44 -19.93
N GLN B 412 -0.76 32.11 -18.94
CA GLN B 412 0.54 32.78 -18.86
C GLN B 412 1.42 32.40 -20.04
N LEU B 413 1.44 31.11 -20.42
CA LEU B 413 2.21 30.69 -21.57
C LEU B 413 1.75 31.41 -22.83
N ALA B 414 0.43 31.42 -23.06
CA ALA B 414 -0.11 32.07 -24.25
C ALA B 414 0.22 33.55 -24.28
N GLY B 415 0.11 34.24 -23.13
CA GLY B 415 0.38 35.66 -23.12
C GLY B 415 1.85 36.00 -23.27
N ARG B 416 2.71 35.24 -22.62
CA ARG B 416 4.15 35.48 -22.71
C ARG B 416 4.67 35.19 -24.11
N LEU B 417 4.30 34.02 -24.66
CA LEU B 417 4.74 33.66 -26.00
C LEU B 417 4.23 34.65 -27.04
N ALA B 418 2.95 35.04 -26.92
CA ALA B 418 2.39 35.98 -27.89
C ALA B 418 3.18 37.28 -27.90
N ALA B 419 3.34 37.89 -26.73
CA ALA B 419 4.06 39.15 -26.59
C ALA B 419 5.54 39.05 -26.93
N GLN B 420 6.08 37.85 -27.07
CA GLN B 420 7.50 37.66 -27.32
C GLN B 420 7.79 37.00 -28.66
N GLY B 421 6.87 37.13 -29.61
CA GLY B 421 7.13 36.80 -31.01
C GLY B 421 6.30 35.68 -31.58
N ALA B 422 5.77 34.79 -30.75
CA ALA B 422 5.04 33.64 -31.24
C ALA B 422 3.64 34.03 -31.69
N ARG B 423 3.12 33.32 -32.69
CA ARG B 423 1.72 33.43 -33.06
C ARG B 423 0.93 32.35 -32.33
N VAL B 424 0.00 32.77 -31.49
CA VAL B 424 -0.71 31.87 -30.58
C VAL B 424 -2.18 31.83 -30.98
N TYR B 425 -2.77 30.64 -30.92
CA TYR B 425 -4.20 30.46 -31.09
C TYR B 425 -4.74 29.72 -29.86
N ALA B 426 -5.79 30.26 -29.25
CA ALA B 426 -6.35 29.74 -28.02
C ALA B 426 -7.81 29.34 -28.21
N TYR B 427 -8.22 28.27 -27.53
CA TYR B 427 -9.58 27.77 -27.60
C TYR B 427 -10.03 27.38 -26.21
N VAL B 428 -11.34 27.46 -25.97
CA VAL B 428 -11.98 26.76 -24.86
C VAL B 428 -12.95 25.74 -25.44
N PHE B 429 -12.80 24.49 -25.03
CA PHE B 429 -13.61 23.39 -25.53
C PHE B 429 -14.84 23.24 -24.64
N GLU B 430 -16.02 23.55 -25.18
CA GLU B 430 -17.22 23.70 -24.37
C GLU B 430 -18.32 22.68 -24.69
N HIS B 431 -18.02 21.62 -25.43
CA HIS B 431 -19.04 20.63 -25.78
C HIS B 431 -18.98 19.43 -24.85
N ARG B 432 -20.12 19.09 -24.28
CA ARG B 432 -20.27 17.92 -23.41
C ARG B 432 -20.80 16.76 -24.25
N ALA B 433 -19.98 15.73 -24.42
CA ALA B 433 -20.33 14.64 -25.33
C ALA B 433 -21.60 13.93 -24.87
N SER B 434 -22.43 13.52 -25.84
CA SER B 434 -23.62 12.75 -25.52
C SER B 434 -23.28 11.42 -24.86
N THR B 435 -22.06 10.92 -25.06
CA THR B 435 -21.60 9.66 -24.51
C THR B 435 -21.05 9.77 -23.10
N LEU B 436 -20.90 10.99 -22.58
CA LEU B 436 -20.16 11.21 -21.34
C LEU B 436 -20.82 10.52 -20.16
N SER B 437 -20.02 9.74 -19.42
CA SER B 437 -20.52 8.98 -18.28
C SER B 437 -20.49 9.77 -16.97
N TRP B 438 -19.68 10.82 -16.89
CA TRP B 438 -19.58 11.62 -15.69
C TRP B 438 -20.89 12.37 -15.43
N PRO B 439 -21.17 12.71 -14.17
CA PRO B 439 -22.41 13.42 -13.86
C PRO B 439 -22.43 14.80 -14.49
N LEU B 440 -23.63 15.37 -14.53
CA LEU B 440 -23.84 16.64 -15.24
C LEU B 440 -23.10 17.81 -14.59
N TRP B 441 -22.94 17.78 -13.26
CA TRP B 441 -22.33 18.91 -12.57
C TRP B 441 -20.85 19.08 -12.89
N MET B 442 -20.20 18.05 -13.44
CA MET B 442 -18.81 18.17 -13.81
C MET B 442 -18.60 18.91 -15.14
N GLY B 443 -19.67 19.19 -15.89
CA GLY B 443 -19.54 20.01 -17.08
C GLY B 443 -18.77 19.30 -18.17
N VAL B 444 -17.79 20.00 -18.74
CA VAL B 444 -16.90 19.42 -19.75
C VAL B 444 -15.58 19.14 -19.06
N PRO B 445 -15.37 17.92 -18.55
CA PRO B 445 -14.21 17.67 -17.70
C PRO B 445 -12.91 17.58 -18.48
N HIS B 446 -11.82 17.72 -17.73
CA HIS B 446 -10.47 17.55 -18.24
C HIS B 446 -10.32 16.23 -19.00
N GLY B 447 -9.70 16.31 -20.17
CA GLY B 447 -9.36 15.15 -20.96
C GLY B 447 -10.33 14.82 -22.08
N TYR B 448 -11.55 15.37 -22.02
CA TYR B 448 -12.64 14.92 -22.88
C TYR B 448 -12.80 15.77 -24.14
N GLU B 449 -11.78 16.53 -24.51
CA GLU B 449 -11.68 17.05 -25.86
C GLU B 449 -10.85 16.14 -26.78
N ILE B 450 -10.09 15.21 -26.20
CA ILE B 450 -9.18 14.38 -26.98
C ILE B 450 -9.95 13.47 -27.93
N GLU B 451 -11.04 12.87 -27.47
CA GLU B 451 -11.77 11.93 -28.32
C GLU B 451 -12.29 12.62 -29.58
N PHE B 452 -12.61 13.91 -29.50
CA PHE B 452 -13.09 14.63 -30.67
C PHE B 452 -11.94 15.02 -31.60
N ILE B 453 -10.79 15.40 -31.04
CA ILE B 453 -9.67 15.79 -31.89
C ILE B 453 -9.14 14.59 -32.67
N PHE B 454 -9.20 13.39 -32.11
CA PHE B 454 -8.79 12.19 -32.82
C PHE B 454 -9.89 11.62 -33.71
N GLY B 455 -11.08 12.22 -33.72
CA GLY B 455 -12.15 11.70 -34.57
C GLY B 455 -12.78 10.41 -34.11
N ILE B 456 -12.68 10.08 -32.82
CA ILE B 456 -13.34 8.88 -32.31
C ILE B 456 -14.83 8.85 -32.61
N PRO B 457 -15.58 9.99 -32.58
CA PRO B 457 -17.01 9.92 -32.94
C PRO B 457 -17.31 9.30 -34.29
N LEU B 458 -16.34 9.28 -35.22
CA LEU B 458 -16.59 8.71 -36.54
C LEU B 458 -16.63 7.18 -36.53
N ASP B 459 -16.12 6.55 -35.48
CA ASP B 459 -16.25 5.12 -35.27
C ASP B 459 -17.73 4.76 -35.20
N PRO B 460 -18.28 4.05 -36.19
CA PRO B 460 -19.71 3.74 -36.18
C PRO B 460 -20.11 2.79 -35.05
N SER B 461 -19.15 2.15 -34.40
CA SER B 461 -19.41 1.30 -33.26
C SER B 461 -19.73 2.07 -31.98
N ARG B 462 -19.71 3.41 -32.02
CA ARG B 462 -20.06 4.26 -30.88
C ARG B 462 -21.31 5.06 -31.21
N ASN B 463 -21.91 5.66 -30.17
CA ASN B 463 -23.22 6.29 -30.29
C ASN B 463 -23.15 7.81 -30.34
N TYR B 464 -22.08 8.37 -30.91
CA TYR B 464 -22.05 9.81 -31.11
C TYR B 464 -23.07 10.21 -32.17
N THR B 465 -23.61 11.41 -32.03
CA THR B 465 -24.64 11.89 -32.93
C THR B 465 -24.03 12.33 -34.26
N ALA B 466 -24.90 12.66 -35.22
CA ALA B 466 -24.43 13.11 -36.52
C ALA B 466 -23.71 14.45 -36.43
N GLU B 467 -24.17 15.34 -35.54
CA GLU B 467 -23.54 16.64 -35.36
C GLU B 467 -22.23 16.54 -34.60
N GLU B 468 -22.11 15.59 -33.68
CA GLU B 468 -20.83 15.34 -33.03
C GLU B 468 -19.81 14.79 -34.03
N LYS B 469 -20.26 13.97 -34.98
CA LYS B 469 -19.38 13.52 -36.05
C LYS B 469 -18.91 14.71 -36.89
N ILE B 470 -19.84 15.57 -37.29
CA ILE B 470 -19.47 16.77 -38.04
C ILE B 470 -18.55 17.66 -37.21
N PHE B 471 -18.84 17.79 -35.92
CA PHE B 471 -17.98 18.54 -35.01
C PHE B 471 -16.57 17.96 -34.98
N ALA B 472 -16.46 16.63 -34.90
CA ALA B 472 -15.14 16.00 -34.88
C ALA B 472 -14.36 16.33 -36.15
N GLN B 473 -15.04 16.37 -37.30
CA GLN B 473 -14.35 16.68 -38.54
C GLN B 473 -13.96 18.16 -38.60
N ARG B 474 -14.73 19.04 -37.95
CA ARG B 474 -14.33 20.43 -37.81
C ARG B 474 -13.04 20.55 -37.00
N LEU B 475 -12.98 19.86 -35.86
CA LEU B 475 -11.80 19.93 -35.02
C LEU B 475 -10.58 19.31 -35.69
N MET B 476 -10.75 18.14 -36.31
CA MET B 476 -9.64 17.51 -37.00
C MET B 476 -9.09 18.41 -38.10
N ARG B 477 -9.96 19.17 -38.77
CA ARG B 477 -9.49 20.09 -39.80
C ARG B 477 -8.75 21.28 -39.18
N TYR B 478 -9.25 21.84 -38.06
CA TYR B 478 -8.52 22.89 -37.36
C TYR B 478 -7.11 22.43 -36.99
N TRP B 479 -7.03 21.27 -36.32
CA TRP B 479 -5.73 20.77 -35.89
C TRP B 479 -4.81 20.51 -37.06
N ALA B 480 -5.32 19.89 -38.12
CA ALA B 480 -4.49 19.56 -39.27
C ALA B 480 -4.14 20.80 -40.08
N ASN B 481 -5.05 21.77 -40.17
CA ASN B 481 -4.71 23.06 -40.79
C ASN B 481 -3.53 23.70 -40.06
N PHE B 482 -3.54 23.65 -38.73
CA PHE B 482 -2.44 24.22 -37.95
C PHE B 482 -1.15 23.47 -38.19
N ALA B 483 -1.21 22.14 -38.23
CA ALA B 483 -0.02 21.35 -38.54
C ALA B 483 0.55 21.71 -39.91
N ARG B 484 -0.33 21.95 -40.89
CA ARG B 484 0.13 22.17 -42.26
C ARG B 484 0.68 23.57 -42.45
N THR B 485 0.09 24.57 -41.79
CA THR B 485 0.43 25.97 -42.06
C THR B 485 0.73 26.82 -40.82
N GLY B 486 0.38 26.38 -39.62
CA GLY B 486 0.48 27.25 -38.47
C GLY B 486 -0.69 28.18 -38.29
N ASP B 487 -1.76 27.99 -39.03
CA ASP B 487 -2.99 28.76 -38.94
C ASP B 487 -4.14 27.77 -39.03
N PRO B 488 -4.97 27.66 -37.98
CA PRO B 488 -6.05 26.66 -38.00
C PRO B 488 -7.18 27.01 -38.95
N ASN B 489 -7.21 28.22 -39.49
CA ASN B 489 -8.35 28.69 -40.28
C ASN B 489 -8.38 28.05 -41.65
N GLU B 490 -9.59 27.92 -42.19
CA GLU B 490 -9.74 27.46 -43.56
C GLU B 490 -9.50 28.61 -44.52
N PRO B 491 -8.49 28.52 -45.42
CA PRO B 491 -8.11 29.58 -46.34
C PRO B 491 -8.92 29.59 -47.64
N PRO B 497 -16.34 32.64 -40.23
CA PRO B 497 -16.00 33.06 -38.86
C PRO B 497 -14.55 32.74 -38.50
N GLN B 498 -13.68 33.75 -38.57
CA GLN B 498 -12.25 33.51 -38.47
C GLN B 498 -11.82 33.38 -37.01
N TRP B 499 -10.82 32.52 -36.79
CA TRP B 499 -10.19 32.29 -35.51
C TRP B 499 -9.00 33.24 -35.36
N PRO B 500 -9.13 34.30 -34.57
CA PRO B 500 -8.05 35.29 -34.48
C PRO B 500 -6.95 34.84 -33.53
N PRO B 501 -5.72 35.30 -33.75
CA PRO B 501 -4.63 34.93 -32.84
C PRO B 501 -4.81 35.55 -31.46
N TYR B 502 -4.33 34.83 -30.45
CA TYR B 502 -4.36 35.29 -29.07
C TYR B 502 -3.19 36.25 -28.84
N THR B 503 -3.46 37.39 -28.23
CA THR B 503 -2.42 38.35 -27.88
C THR B 503 -2.59 38.81 -26.44
N ALA B 504 -1.52 39.36 -25.88
CA ALA B 504 -1.53 39.77 -24.48
C ALA B 504 -2.57 40.86 -24.22
N GLY B 505 -2.74 41.78 -25.17
CA GLY B 505 -3.76 42.82 -25.06
C GLY B 505 -5.17 42.30 -25.24
N ALA B 506 -5.52 41.91 -26.46
CA ALA B 506 -6.92 41.55 -26.73
C ALA B 506 -7.34 40.26 -26.04
N GLN B 507 -6.39 39.36 -25.78
CA GLN B 507 -6.65 38.11 -25.06
C GLN B 507 -7.76 37.29 -25.73
N GLN B 508 -7.76 37.27 -27.06
CA GLN B 508 -8.86 36.68 -27.80
C GLN B 508 -8.70 35.17 -27.94
N TYR B 509 -9.81 34.45 -27.78
CA TYR B 509 -9.87 33.02 -27.99
C TYR B 509 -11.25 32.70 -28.57
N VAL B 510 -11.42 31.47 -29.06
CA VAL B 510 -12.71 31.03 -29.56
C VAL B 510 -13.20 29.84 -28.76
N SER B 511 -14.51 29.66 -28.74
CA SER B 511 -15.15 28.54 -28.07
C SER B 511 -15.45 27.44 -29.10
N LEU B 512 -15.12 26.20 -28.74
CA LEU B 512 -15.30 25.06 -29.63
C LEU B 512 -16.48 24.23 -29.13
N ASP B 513 -17.60 24.31 -29.84
CA ASP B 513 -18.74 23.44 -29.57
C ASP B 513 -19.50 23.25 -30.88
N LEU B 514 -20.76 22.80 -30.78
CA LEU B 514 -21.52 22.47 -31.97
C LEU B 514 -22.00 23.69 -32.74
N ARG B 515 -22.07 24.86 -32.10
CA ARG B 515 -22.42 26.05 -32.87
C ARG B 515 -21.15 26.67 -33.43
N PRO B 516 -21.27 27.62 -34.37
CA PRO B 516 -20.07 28.18 -35.02
C PRO B 516 -19.16 28.88 -34.03
N LEU B 517 -17.97 29.20 -34.52
CA LEU B 517 -16.95 29.85 -33.70
C LEU B 517 -17.46 31.16 -33.14
N GLU B 518 -17.33 31.33 -31.82
CA GLU B 518 -17.57 32.60 -31.16
C GLU B 518 -16.26 33.07 -30.55
N VAL B 519 -15.90 34.32 -30.81
CA VAL B 519 -14.68 34.90 -30.27
C VAL B 519 -14.99 35.58 -28.95
N ARG B 520 -14.29 35.19 -27.89
CA ARG B 520 -14.41 35.81 -26.58
C ARG B 520 -13.04 36.35 -26.16
N ARG B 521 -13.04 37.15 -25.09
CA ARG B 521 -11.85 37.83 -24.60
C ARG B 521 -11.49 37.31 -23.22
N GLY B 522 -10.20 37.02 -23.03
CA GLY B 522 -9.67 36.75 -21.70
C GLY B 522 -9.90 35.36 -21.16
N LEU B 523 -8.81 34.64 -20.89
CA LEU B 523 -8.87 33.31 -20.26
C LEU B 523 -8.89 33.46 -18.75
N ARG B 524 -10.05 33.88 -18.24
CA ARG B 524 -10.22 34.21 -16.83
C ARG B 524 -9.14 35.18 -16.37
N ALA B 525 -9.13 36.35 -17.04
CA ALA B 525 -8.09 37.33 -16.77
C ALA B 525 -8.08 37.76 -15.29
N GLN B 526 -9.27 37.91 -14.69
CA GLN B 526 -9.33 38.33 -13.29
C GLN B 526 -8.76 37.25 -12.38
N ALA B 527 -9.20 36.01 -12.55
CA ALA B 527 -8.74 34.96 -11.65
C ALA B 527 -7.28 34.62 -11.87
N CYS B 528 -6.78 34.79 -13.08
CA CYS B 528 -5.41 34.42 -13.40
C CYS B 528 -4.42 35.55 -13.10
N ALA B 529 -4.90 36.80 -13.07
CA ALA B 529 -4.10 37.87 -12.49
C ALA B 529 -3.72 37.54 -11.06
N PHE B 530 -4.64 36.93 -10.31
CA PHE B 530 -4.33 36.49 -8.96
C PHE B 530 -3.22 35.44 -8.97
N TRP B 531 -3.40 34.37 -9.75
CA TRP B 531 -2.44 33.26 -9.73
C TRP B 531 -1.12 33.64 -10.39
N ASN B 532 -1.17 34.37 -11.51
CA ASN B 532 0.03 34.64 -12.28
C ASN B 532 0.76 35.90 -11.84
N ARG B 533 0.05 36.89 -11.28
CA ARG B 533 0.69 38.16 -10.93
C ARG B 533 0.84 38.36 -9.42
N PHE B 534 -0.20 38.12 -8.64
CA PHE B 534 -0.12 38.46 -7.22
C PHE B 534 0.45 37.33 -6.37
N LEU B 535 -0.11 36.13 -6.48
CA LEU B 535 0.29 35.04 -5.59
C LEU B 535 1.80 34.75 -5.62
N PRO B 536 2.52 34.83 -6.74
CA PRO B 536 3.98 34.66 -6.66
C PRO B 536 4.64 35.67 -5.72
N LYS B 537 4.24 36.94 -5.79
CA LYS B 537 4.84 37.95 -4.92
C LYS B 537 4.57 37.67 -3.45
N LEU B 538 3.39 37.12 -3.14
CA LEU B 538 3.04 36.81 -1.77
C LEU B 538 3.91 35.70 -1.19
N LEU B 539 4.25 34.70 -2.01
CA LEU B 539 5.09 33.61 -1.55
C LEU B 539 6.54 34.03 -1.38
N SER B 540 6.96 35.12 -2.04
CA SER B 540 8.31 35.62 -1.87
C SER B 540 8.51 36.34 -0.53
N ALA B 541 7.42 36.71 0.15
CA ALA B 541 7.51 37.45 1.39
C ALA B 541 6.50 36.95 2.43
C1 NAG C . 26.10 -12.32 36.00
C2 NAG C . 27.30 -11.36 36.01
C3 NAG C . 27.49 -10.71 34.65
C4 NAG C . 27.54 -11.78 33.56
C5 NAG C . 26.29 -12.66 33.65
C6 NAG C . 26.33 -13.75 32.59
C7 NAG C . 27.42 -10.58 38.30
C8 NAG C . 28.12 -11.87 38.57
N2 NAG C . 27.12 -10.34 37.02
O3 NAG C . 28.71 -9.96 34.63
O4 NAG C . 27.60 -11.16 32.27
O5 NAG C . 26.20 -13.26 34.94
O6 NAG C . 27.41 -14.66 32.87
O7 NAG C . 27.13 -9.79 39.19
C1 NAG C . 28.79 -11.61 31.60
C2 NAG C . 28.87 -10.97 30.22
C3 NAG C . 30.15 -11.37 29.50
C4 NAG C . 31.35 -11.09 30.40
C5 NAG C . 31.17 -11.79 31.74
C6 NAG C . 32.35 -11.51 32.66
C7 NAG C . 26.68 -10.59 29.24
C8 NAG C . 25.50 -11.20 28.55
N2 NAG C . 27.73 -11.37 29.41
O3 NAG C . 30.28 -10.63 28.29
O4 NAG C . 32.55 -11.57 29.78
O5 NAG C . 29.97 -11.34 32.37
O6 NAG C . 32.37 -10.12 33.01
O7 NAG C . 26.66 -9.43 29.64
C1 FUC C . 26.91 -16.00 32.81
C2 FUC C . 28.01 -16.94 32.30
C3 FUC C . 29.10 -17.13 33.34
C4 FUC C . 28.47 -17.56 34.67
C5 FUC C . 27.41 -16.55 35.08
C6 FUC C . 26.76 -16.96 36.40
O2 FUC C . 28.58 -16.39 31.11
O3 FUC C . 30.01 -18.15 32.90
O4 FUC C . 27.88 -18.85 34.53
O5 FUC C . 26.40 -16.45 34.07
C1 NAG D . 9.39 -13.11 -13.60
C2 NAG D . 8.50 -12.50 -14.69
C3 NAG D . 7.23 -13.30 -14.88
C4 NAG D . 7.57 -14.77 -15.10
C5 NAG D . 8.43 -15.28 -13.95
C6 NAG D . 8.81 -16.74 -14.15
C7 NAG D . 9.03 -10.13 -14.59
C8 NAG D . 10.19 -10.47 -15.48
N2 NAG D . 8.18 -11.13 -14.35
O3 NAG D . 6.51 -12.80 -16.02
O4 NAG D . 6.35 -15.53 -15.15
O5 NAG D . 9.63 -14.49 -13.85
O6 NAG D . 9.68 -16.86 -15.28
O7 NAG D . 8.87 -9.02 -14.12
C1 NAG D . 6.25 -16.12 -16.46
C2 NAG D . 5.10 -17.13 -16.49
C3 NAG D . 4.92 -17.72 -17.88
C4 NAG D . 4.81 -16.59 -18.91
C5 NAG D . 6.01 -15.68 -18.80
C6 NAG D . 5.91 -14.54 -19.80
C7 NAG D . 4.78 -18.21 -14.35
C8 NAG D . 3.68 -17.22 -14.13
N2 NAG D . 5.35 -18.20 -15.54
O3 NAG D . 3.73 -18.52 -17.91
O4 NAG D . 4.74 -17.16 -20.22
O5 NAG D . 6.10 -15.13 -17.49
O6 NAG D . 4.82 -13.68 -19.47
O7 NAG D . 5.13 -19.00 -13.47
C1 FUC D . 9.66 -18.21 -15.74
C2 FUC D . 9.85 -18.25 -17.25
C3 FUC D . 11.27 -17.89 -17.64
C4 FUC D . 12.26 -18.76 -16.87
C5 FUC D . 11.99 -18.64 -15.37
C6 FUC D . 12.95 -19.51 -14.57
O2 FUC D . 8.94 -17.33 -17.86
O3 FUC D . 11.45 -18.09 -19.05
O4 FUC D . 12.11 -20.12 -17.27
O5 FUC D . 10.64 -19.02 -15.08
C1 NAG E . -22.21 12.64 -1.45
C2 NAG E . -22.43 13.24 -0.06
C3 NAG E . -21.11 13.59 0.61
C4 NAG E . -20.19 12.37 0.59
C5 NAG E . -20.03 11.86 -0.84
C6 NAG E . -19.13 10.65 -0.89
C7 NAG E . -24.58 14.34 -0.26
C8 NAG E . -25.17 12.98 -0.05
N2 NAG E . -23.26 14.43 -0.17
O3 NAG E . -21.35 13.97 1.97
O4 NAG E . -18.91 12.74 1.11
O5 NAG E . -21.31 11.53 -1.39
O6 NAG E . -19.77 9.55 -0.21
O7 NAG E . -25.28 15.32 -0.49
C1 NAG E . -18.60 11.89 2.24
C2 NAG E . -17.21 12.20 2.75
C3 NAG E . -16.86 11.38 3.99
C4 NAG E . -17.98 11.50 5.02
C5 NAG E . -19.32 11.14 4.39
C6 NAG E . -20.45 11.26 5.40
C7 NAG E . -14.94 11.78 1.96
C8 NAG E . -14.18 11.00 0.92
N2 NAG E . -16.24 11.96 1.70
O3 NAG E . -15.65 11.85 4.56
O4 NAG E . -17.72 10.62 6.12
O5 NAG E . -19.58 12.00 3.28
O6 NAG E . -21.67 10.78 4.82
O7 NAG E . -14.41 12.23 2.96
C1 FUC E . -19.59 8.36 -0.99
C2 FUC E . -19.79 7.14 -0.09
C3 FUC E . -21.25 6.96 0.30
C4 FUC E . -22.11 6.97 -0.95
C5 FUC E . -21.85 8.23 -1.76
C6 FUC E . -22.69 8.25 -3.03
O2 FUC E . -19.00 7.28 1.09
O3 FUC E . -21.42 5.72 0.99
O4 FUC E . -21.82 5.81 -1.75
O5 FUC E . -20.46 8.31 -2.12
O3 HI6 F . 17.80 -18.53 14.20
C14 HI6 F . 16.66 -18.33 14.47
N4 HI6 F . 15.61 -18.70 13.53
C11 HI6 F . 16.27 -17.70 15.80
C10 HI6 F . 14.95 -17.57 16.09
C9 HI6 F . 14.56 -16.99 17.29
N3 HI6 F . 15.49 -16.57 18.15
C13 HI6 F . 16.81 -16.70 17.88
C12 HI6 F . 17.21 -17.27 16.67
C8 HI6 F . 15.08 -15.98 19.41
O2 HI6 F . 15.37 -16.93 20.40
C7 HI6 F . 15.91 -16.40 21.57
N2 HI6 F . 14.85 -16.17 22.55
C2 HI6 F . 14.02 -17.17 22.95
C1 HI6 F . 14.09 -18.59 22.41
N1 HI6 F . 13.01 -19.13 22.06
O1 HI6 F . 12.95 -20.43 21.55
C3 HI6 F . 13.02 -16.89 23.89
C4 HI6 F . 12.90 -15.65 24.39
C5 HI6 F . 13.74 -14.66 24.00
C6 HI6 F . 14.72 -14.93 23.06
C01 L2Y G . 8.06 -17.86 26.63
C02 L2Y G . 7.77 -17.74 25.15
C04 L2Y G . 5.39 -17.15 25.74
C05 L2Y G . 4.53 -18.15 24.99
C06 L2Y G . 6.62 -15.86 23.97
C07 L2Y G . 7.88 -15.65 23.16
C11 L2Y G . 6.69 -12.62 22.60
N03 L2Y G . 6.59 -16.91 24.96
N08 L2Y G . 5.58 -15.18 23.86
O12 L2Y G . 4.97 -14.45 21.45
P09 L2Y G . 5.36 -13.91 22.75
O3 HI6 H . 1.63 10.71 -7.67
C14 HI6 H . 1.34 9.71 -8.09
N4 HI6 H . 2.40 8.87 -8.51
C11 HI6 H . -0.10 9.31 -8.19
C10 HI6 H . -1.00 10.29 -8.31
C9 HI6 H . -2.32 9.98 -8.42
N3 HI6 H . -2.71 8.71 -8.41
C13 HI6 H . -1.82 7.74 -8.28
C12 HI6 H . -0.50 8.04 -8.18
C8 HI6 H . -4.09 8.36 -8.54
O2 HI6 H . -4.84 9.07 -7.64
C7 HI6 H . -5.12 10.35 -8.07
N2 HI6 H . -6.00 10.31 -9.19
C2 HI6 H . -5.94 11.30 -10.08
C1 HI6 H . -4.91 12.40 -9.83
N1 HI6 H . -4.30 12.99 -10.73
O1 HI6 H . -4.52 12.63 -12.04
C3 HI6 H . -6.77 11.30 -11.16
C4 HI6 H . -7.66 10.32 -11.33
C5 HI6 H . -7.74 9.33 -10.43
C6 HI6 H . -6.89 9.32 -9.35
C1 NAG I . -24.04 2.85 -27.01
C2 NAG I . -25.22 1.90 -27.09
C3 NAG I . -25.05 0.69 -26.17
C4 NAG I . -23.69 0.05 -26.41
C5 NAG I . -22.58 1.10 -26.29
C6 NAG I . -21.23 0.47 -26.55
C7 NAG I . -27.56 1.99 -26.39
C8 NAG I . -28.52 2.79 -25.55
N2 NAG I . -26.44 2.63 -26.74
O3 NAG I . -26.08 -0.27 -26.43
O4 NAG I . -23.47 -0.99 -25.46
O5 NAG I . -22.80 2.16 -27.23
O6 NAG I . -21.12 0.07 -27.91
O7 NAG I . -27.80 0.85 -26.72
C01 L2Y J . -4.70 11.97 -19.83
C02 L2Y J . -5.65 12.85 -19.02
C04 L2Y J . -6.17 11.34 -17.11
C05 L2Y J . -7.54 11.76 -16.57
C06 L2Y J . -4.55 13.26 -16.81
C07 L2Y J . -4.33 12.85 -15.35
C11 L2Y J . -2.97 15.86 -15.02
N03 L2Y J . -5.47 12.49 -17.64
N08 L2Y J . -4.01 14.22 -17.39
O12 L2Y J . -1.54 14.75 -17.09
P09 L2Y J . -2.86 15.32 -16.81
#